data_5C5J
#
_entry.id   5C5J
#
_cell.length_a   86.450
_cell.length_b   57.380
_cell.length_c   110.640
_cell.angle_alpha   90.00
_cell.angle_beta   94.51
_cell.angle_gamma   90.00
#
_symmetry.space_group_name_H-M   'P 1 21 1'
#
loop_
_entity.id
_entity.type
_entity.pdbx_description
1 polymer 'DNA polymerase IV'
2 polymer "DNA (5'-D(*TP*CP*TP*AP*GP*GP*GP*TP*CP*CP*TP*AP*GP*GP*AP*CP*CP*C)-3')"
3 non-polymer "8-OXO-GUANOSINE-5'-TRIPHOSPHATE"
4 non-polymer 'MAGNESIUM ION'
5 water water
#
loop_
_entity_poly.entity_id
_entity_poly.type
_entity_poly.pdbx_seq_one_letter_code
_entity_poly.pdbx_strand_id
1 'polypeptide(L)'
;GSRKIIHVDMDCFFAAVEMRDNPALRDIPIAIGGSRERRGVISTANYPARKFGVRSAMPTGMALKLCPHLTLLPGRFDAY
KEASNHIREIFSRYTSRIEPLSLDEAYLDVTDSVHCHGSATLIAQEIRQTIFNELQLTASAGVAPVKFLAKIASDMNKPN
GQFVITPAEVPAFLQTLPLAKIPGVGKVSAAKLEAMGLRTCGDVQKCDLVMLLKRFGKFGRILWERSQGIDERDVNSERL
RKSVGVERTMAEDIHHWSECEAIIERLYPELERRLAKVKPDLLIARQGVKLKFDDFQQTTQEHVWPRLNKADLIATARKT
WDERRGGRGVRLVGLHVTLLDPQMERQLVLGL
;
F,A
2 'polydeoxyribonucleotide' (DT)(DC)(DT)(DA)(DG)(DG)(DG)(DT)(DC)(DC)(DT)(DA)(DG)(DG)(DA)(DC)(DC)(DC) G,H,B,C
#
# COMPACT_ATOMS: atom_id res chain seq x y z
N GLY A 1 5.58 10.09 -43.22
CA GLY A 1 7.01 10.25 -43.27
C GLY A 1 7.79 9.34 -42.32
N SER A 2 9.12 9.50 -42.30
CA SER A 2 9.99 8.58 -41.55
C SER A 2 11.31 9.27 -41.24
N ARG A 3 11.68 9.35 -39.96
CA ARG A 3 12.87 10.08 -39.50
C ARG A 3 14.04 9.13 -39.28
N LYS A 4 15.24 9.71 -39.18
CA LYS A 4 16.47 8.96 -38.88
C LYS A 4 17.09 9.47 -37.57
N ILE A 5 16.97 8.68 -36.50
CA ILE A 5 17.38 9.07 -35.15
C ILE A 5 18.53 8.20 -34.66
N ILE A 6 19.64 8.83 -34.29
CA ILE A 6 20.76 8.15 -33.65
C ILE A 6 20.71 8.44 -32.15
N HIS A 7 20.90 7.41 -31.34
CA HIS A 7 21.23 7.55 -29.93
C HIS A 7 22.67 7.11 -29.72
N VAL A 8 23.52 8.04 -29.26
CA VAL A 8 24.92 7.74 -28.97
C VAL A 8 25.11 7.63 -27.47
N ASP A 9 25.84 6.60 -27.05
CA ASP A 9 25.98 6.21 -25.64
C ASP A 9 27.44 5.85 -25.42
N MET A 10 28.18 6.66 -24.68
CA MET A 10 29.55 6.28 -24.35
C MET A 10 29.56 5.05 -23.45
N ASP A 11 30.64 4.27 -23.52
CA ASP A 11 30.73 3.02 -22.77
C ASP A 11 31.42 3.29 -21.44
N CYS A 12 30.76 2.92 -20.34
CA CYS A 12 31.33 3.04 -18.98
C CYS A 12 32.06 4.36 -18.80
N PHE A 13 31.33 5.45 -19.10
CA PHE A 13 31.96 6.71 -19.50
C PHE A 13 33.00 7.18 -18.49
N PHE A 14 32.58 7.40 -17.24
CA PHE A 14 33.53 7.87 -16.21
C PHE A 14 34.68 6.87 -16.05
N ALA A 15 34.37 5.59 -15.99
CA ALA A 15 35.42 4.57 -15.87
C ALA A 15 36.33 4.58 -17.08
N ALA A 16 35.76 4.70 -18.29
CA ALA A 16 36.58 4.75 -19.51
C ALA A 16 37.51 5.97 -19.50
N VAL A 17 37.09 7.07 -18.88
CA VAL A 17 37.98 8.21 -18.79
C VAL A 17 39.07 7.96 -17.75
N GLU A 18 38.76 7.23 -16.67
CA GLU A 18 39.77 6.92 -15.67
C GLU A 18 40.80 5.92 -16.20
N MET A 19 40.37 4.95 -17.00
CA MET A 19 41.34 4.00 -17.55
C MET A 19 42.21 4.67 -18.63
N ARG A 20 41.61 5.51 -19.48
CA ARG A 20 42.41 6.28 -20.42
C ARG A 20 43.49 7.09 -19.70
N ASP A 21 43.09 7.83 -18.67
CA ASP A 21 43.99 8.74 -17.97
C ASP A 21 44.90 8.05 -16.95
N ASN A 22 44.68 6.77 -16.66
CA ASN A 22 45.60 5.99 -15.84
C ASN A 22 45.54 4.55 -16.28
N PRO A 23 46.38 4.16 -17.23
CA PRO A 23 46.29 2.80 -17.79
C PRO A 23 46.47 1.71 -16.75
N ALA A 24 46.99 2.04 -15.56
CA ALA A 24 47.15 1.06 -14.51
C ALA A 24 45.81 0.48 -14.06
N LEU A 25 44.70 1.04 -14.51
CA LEU A 25 43.37 0.60 -14.09
C LEU A 25 42.69 -0.27 -15.12
N ARG A 26 43.36 -0.56 -16.25
CA ARG A 26 42.66 -1.09 -17.41
C ARG A 26 41.97 -2.41 -17.10
N ASP A 27 42.71 -3.37 -16.52
CA ASP A 27 42.19 -4.72 -16.43
C ASP A 27 41.98 -5.19 -14.99
N ILE A 28 41.88 -4.26 -14.05
CA ILE A 28 41.44 -4.56 -12.70
C ILE A 28 40.07 -3.93 -12.50
N PRO A 29 39.25 -4.46 -11.59
CA PRO A 29 37.88 -3.93 -11.44
C PRO A 29 37.88 -2.59 -10.72
N ILE A 30 37.34 -1.56 -11.38
CA ILE A 30 37.23 -0.21 -10.83
C ILE A 30 35.79 0.25 -10.96
N ALA A 31 35.49 1.34 -10.25
CA ALA A 31 34.15 1.89 -10.28
C ALA A 31 34.21 3.31 -9.72
N ILE A 32 33.35 4.17 -10.25
CA ILE A 32 33.17 5.52 -9.71
C ILE A 32 31.97 5.47 -8.76
N GLY A 33 32.21 5.79 -7.49
CA GLY A 33 31.17 5.85 -6.48
C GLY A 33 31.75 6.18 -5.11
N GLY A 34 30.93 6.59 -4.15
CA GLY A 34 31.43 6.89 -2.82
C GLY A 34 31.88 5.63 -2.11
N SER A 35 32.87 5.78 -1.23
CA SER A 35 33.28 4.69 -0.37
C SER A 35 32.10 4.19 0.46
N ARG A 36 32.26 2.99 1.00
CA ARG A 36 31.22 2.42 1.86
C ARG A 36 31.09 3.18 3.18
N GLU A 37 32.18 3.72 3.69
CA GLU A 37 32.05 4.58 4.88
C GLU A 37 31.49 5.95 4.53
N ARG A 38 31.57 6.36 3.26
CA ARG A 38 30.81 7.52 2.82
C ARG A 38 29.39 7.14 2.45
N ARG A 39 29.03 5.86 2.61
CA ARG A 39 27.68 5.34 2.34
C ARG A 39 27.26 5.56 0.89
N GLY A 40 28.23 5.45 -0.02
CA GLY A 40 28.01 5.70 -1.42
C GLY A 40 27.28 4.60 -2.17
N VAL A 41 27.01 4.91 -3.44
CA VAL A 41 26.54 3.95 -4.43
C VAL A 41 27.40 4.11 -5.65
N ILE A 42 27.43 3.05 -6.47
CA ILE A 42 28.22 3.06 -7.68
C ILE A 42 27.55 3.96 -8.72
N SER A 43 28.35 4.78 -9.39
CA SER A 43 27.86 5.52 -10.56
C SER A 43 28.14 4.76 -11.86
N THR A 44 29.38 4.32 -12.09
CA THR A 44 29.69 3.51 -13.26
C THR A 44 30.89 2.61 -12.96
N ALA A 45 30.92 1.44 -13.60
CA ALA A 45 31.96 0.45 -13.38
C ALA A 45 32.50 -0.02 -14.71
N ASN A 46 33.77 -0.41 -14.71
CA ASN A 46 34.38 -0.99 -15.90
C ASN A 46 33.94 -2.44 -16.05
N TYR A 47 34.34 -3.07 -17.17
CA TYR A 47 33.83 -4.42 -17.42
C TYR A 47 34.43 -5.48 -16.48
N PRO A 48 35.71 -5.43 -16.15
CA PRO A 48 36.21 -6.34 -15.09
C PRO A 48 35.36 -6.32 -13.82
N ALA A 49 34.89 -5.15 -13.36
CA ALA A 49 34.01 -5.11 -12.20
C ALA A 49 32.62 -5.66 -12.49
N ARG A 50 32.07 -5.35 -13.66
CA ARG A 50 30.73 -5.83 -14.00
C ARG A 50 30.68 -7.35 -14.12
N LYS A 51 31.77 -7.98 -14.57
CA LYS A 51 31.83 -9.44 -14.52
C LYS A 51 31.41 -9.98 -13.14
N PHE A 52 31.71 -9.24 -12.06
CA PHE A 52 31.34 -9.70 -10.74
C PHE A 52 29.89 -9.44 -10.37
N GLY A 53 29.13 -8.70 -11.19
CA GLY A 53 27.80 -8.28 -10.81
C GLY A 53 27.68 -6.83 -10.38
N VAL A 54 28.78 -6.08 -10.40
CA VAL A 54 28.79 -4.66 -10.05
C VAL A 54 27.97 -3.91 -11.10
N ARG A 55 26.94 -3.19 -10.64
CA ARG A 55 26.07 -2.42 -11.52
C ARG A 55 25.99 -1.00 -11.01
N SER A 56 25.58 -0.10 -11.92
CA SER A 56 25.25 1.27 -11.56
C SER A 56 24.06 1.30 -10.61
N ALA A 57 24.06 2.27 -9.70
CA ALA A 57 23.02 2.50 -8.69
C ALA A 57 23.05 1.46 -7.60
N MET A 58 24.04 0.56 -7.63
CA MET A 58 24.24 -0.43 -6.58
C MET A 58 24.93 0.21 -5.37
N PRO A 59 24.41 0.04 -4.15
CA PRO A 59 25.14 0.47 -2.95
C PRO A 59 26.57 -0.03 -2.97
N THR A 60 27.50 0.84 -2.57
CA THR A 60 28.91 0.48 -2.67
C THR A 60 29.25 -0.72 -1.78
N GLY A 61 28.52 -0.88 -0.67
CA GLY A 61 28.75 -2.03 0.19
C GLY A 61 28.43 -3.34 -0.51
N MET A 62 27.34 -3.36 -1.29
CA MET A 62 27.02 -4.55 -2.08
C MET A 62 28.06 -4.78 -3.18
N ALA A 63 28.33 -3.75 -4.00
CA ALA A 63 29.40 -3.81 -4.99
C ALA A 63 30.68 -4.46 -4.46
N LEU A 64 30.98 -4.21 -3.18
CA LEU A 64 32.22 -4.69 -2.58
C LEU A 64 32.11 -6.14 -2.11
N LYS A 65 30.92 -6.55 -1.66
CA LYS A 65 30.69 -7.97 -1.41
C LYS A 65 30.85 -8.78 -2.69
N LEU A 66 30.22 -8.34 -3.78
CA LEU A 66 30.33 -9.03 -5.05
C LEU A 66 31.78 -9.05 -5.55
N CYS A 67 32.53 -7.99 -5.31
CA CYS A 67 33.86 -7.84 -5.90
C CYS A 67 34.80 -7.26 -4.84
N PRO A 68 35.36 -8.11 -3.97
CA PRO A 68 36.17 -7.60 -2.84
C PRO A 68 37.38 -6.78 -3.25
N HIS A 69 37.87 -6.89 -4.49
CA HIS A 69 39.03 -6.09 -4.89
C HIS A 69 38.66 -4.83 -5.68
N LEU A 70 37.37 -4.52 -5.81
CA LEU A 70 36.93 -3.29 -6.48
C LEU A 70 37.73 -2.08 -6.01
N THR A 71 38.28 -1.32 -6.95
CA THR A 71 38.87 -0.03 -6.61
C THR A 71 37.82 1.07 -6.75
N LEU A 72 37.67 1.87 -5.70
CA LEU A 72 36.70 2.97 -5.68
C LEU A 72 37.38 4.28 -6.09
N LEU A 73 36.63 5.12 -6.82
CA LEU A 73 37.17 6.36 -7.28
C LEU A 73 36.10 7.41 -7.07
N PRO A 74 36.48 8.63 -6.70
CA PRO A 74 35.47 9.60 -6.30
C PRO A 74 34.94 10.41 -7.48
N GLY A 75 35.63 10.37 -8.61
CA GLY A 75 35.09 11.06 -9.78
C GLY A 75 35.73 12.41 -9.97
N ARG A 76 36.10 12.71 -11.21
CA ARG A 76 36.72 13.98 -11.59
C ARG A 76 35.82 14.66 -12.62
N PHE A 77 34.83 15.42 -12.13
CA PHE A 77 33.72 15.78 -13.01
C PHE A 77 34.10 16.83 -14.06
N ASP A 78 35.22 17.55 -13.88
CA ASP A 78 35.74 18.37 -14.97
C ASP A 78 36.37 17.51 -16.06
N ALA A 79 37.00 16.41 -15.68
CA ALA A 79 37.52 15.46 -16.64
C ALA A 79 36.43 14.65 -17.35
N TYR A 80 35.19 14.70 -16.87
CA TYR A 80 34.14 14.06 -17.64
C TYR A 80 33.40 15.06 -18.51
N LYS A 81 33.44 16.34 -18.13
CA LYS A 81 32.81 17.42 -18.88
C LYS A 81 33.62 17.82 -20.10
N GLU A 82 34.96 17.82 -19.97
CA GLU A 82 35.79 18.13 -21.13
C GLU A 82 35.55 17.11 -22.25
N ALA A 83 35.43 15.83 -21.92
CA ALA A 83 35.16 14.83 -22.95
C ALA A 83 33.74 14.96 -23.47
N SER A 84 32.79 15.23 -22.58
CA SER A 84 31.40 15.40 -23.01
C SER A 84 31.29 16.56 -23.99
N ASN A 85 31.92 17.70 -23.68
CA ASN A 85 31.88 18.86 -24.57
C ASN A 85 32.59 18.56 -25.89
N HIS A 86 33.76 17.92 -25.82
CA HIS A 86 34.45 17.46 -27.02
C HIS A 86 33.52 16.60 -27.89
N ILE A 87 32.90 15.60 -27.28
CA ILE A 87 32.04 14.66 -28.00
C ILE A 87 30.87 15.39 -28.64
N ARG A 88 30.26 16.32 -27.91
CA ARG A 88 29.14 17.08 -28.45
C ARG A 88 29.57 17.97 -29.61
N GLU A 89 30.84 18.41 -29.62
CA GLU A 89 31.34 19.17 -30.76
C GLU A 89 31.48 18.25 -31.98
N ILE A 90 31.90 17.00 -31.75
CA ILE A 90 31.94 16.02 -32.83
C ILE A 90 30.55 15.79 -33.40
N PHE A 91 29.52 15.71 -32.54
CA PHE A 91 28.15 15.60 -33.03
C PHE A 91 27.79 16.76 -33.95
N SER A 92 28.24 17.97 -33.60
CA SER A 92 27.85 19.18 -34.33
C SER A 92 28.38 19.18 -35.76
N ARG A 93 29.51 18.52 -36.00
CA ARG A 93 30.04 18.41 -37.36
C ARG A 93 29.08 17.70 -38.31
N TYR A 94 28.13 16.91 -37.79
CA TYR A 94 27.24 16.12 -38.62
C TYR A 94 25.81 16.65 -38.65
N THR A 95 25.40 17.36 -37.61
CA THR A 95 24.06 17.94 -37.50
C THR A 95 24.01 18.83 -36.26
N SER A 96 23.19 19.87 -36.35
CA SER A 96 22.89 20.73 -35.23
C SER A 96 21.71 20.20 -34.41
N ARG A 97 21.13 19.07 -34.81
CA ARG A 97 19.99 18.49 -34.09
C ARG A 97 20.50 17.52 -33.03
N ILE A 98 20.94 18.10 -31.92
CA ILE A 98 21.60 17.38 -30.83
C ILE A 98 20.80 17.64 -29.55
N GLU A 99 20.20 16.59 -29.00
CA GLU A 99 19.56 16.66 -27.70
C GLU A 99 20.37 15.86 -26.69
N PRO A 100 21.27 16.49 -25.94
CA PRO A 100 22.03 15.77 -24.93
C PRO A 100 21.13 15.33 -23.79
N LEU A 101 21.39 14.13 -23.25
CA LEU A 101 20.58 13.57 -22.17
C LEU A 101 21.32 13.50 -20.85
N SER A 102 22.65 13.53 -20.89
CA SER A 102 23.56 13.35 -19.77
C SER A 102 24.92 13.64 -20.36
N LEU A 103 25.94 13.63 -19.51
CA LEU A 103 27.30 13.78 -20.03
C LEU A 103 27.63 12.73 -21.10
N ASP A 104 27.09 11.51 -20.97
CA ASP A 104 27.55 10.40 -21.81
C ASP A 104 26.55 9.99 -22.90
N GLU A 105 25.47 10.75 -23.12
CA GLU A 105 24.40 10.33 -24.02
C GLU A 105 23.81 11.52 -24.76
N ALA A 106 23.34 11.25 -25.98
CA ALA A 106 22.71 12.31 -26.77
C ALA A 106 21.94 11.70 -27.93
N TYR A 107 20.78 12.29 -28.21
CA TYR A 107 20.04 12.00 -29.43
C TYR A 107 20.53 12.88 -30.57
N LEU A 108 20.50 12.31 -31.78
CA LEU A 108 20.78 13.04 -33.01
C LEU A 108 19.67 12.74 -34.02
N ASP A 109 19.18 13.79 -34.69
CA ASP A 109 18.29 13.64 -35.84
C ASP A 109 19.15 13.93 -37.07
N VAL A 110 19.41 12.90 -37.87
CA VAL A 110 20.28 13.11 -39.01
C VAL A 110 19.53 12.87 -40.33
N THR A 111 18.20 12.98 -40.30
CA THR A 111 17.38 12.85 -41.50
C THR A 111 17.86 13.81 -42.58
N ASP A 112 17.71 15.10 -42.31
CA ASP A 112 18.16 16.12 -43.25
C ASP A 112 19.65 16.20 -43.35
N SER A 113 20.42 15.30 -42.80
CA SER A 113 21.87 15.42 -42.90
C SER A 113 22.37 14.81 -44.21
N VAL A 114 23.60 15.17 -44.55
CA VAL A 114 24.26 14.82 -45.80
C VAL A 114 25.74 14.67 -45.52
N HIS A 115 26.13 13.62 -44.80
CA HIS A 115 27.54 13.40 -44.52
C HIS A 115 28.05 12.04 -44.96
N CYS A 116 27.18 11.04 -45.06
CA CYS A 116 27.59 9.70 -45.47
C CYS A 116 26.49 9.13 -46.37
N HIS A 117 26.07 9.94 -47.35
CA HIS A 117 24.99 9.59 -48.27
C HIS A 117 23.69 9.36 -47.52
N GLY A 118 23.49 10.15 -46.47
CA GLY A 118 22.29 10.06 -45.66
C GLY A 118 22.15 8.70 -45.00
N SER A 119 23.22 7.90 -45.04
CA SER A 119 23.24 6.64 -44.30
C SER A 119 23.40 6.98 -42.82
N ALA A 120 22.32 6.87 -42.07
CA ALA A 120 22.41 7.03 -40.63
C ALA A 120 23.33 5.97 -40.03
N THR A 121 23.31 4.77 -40.62
CA THR A 121 24.18 3.69 -40.18
C THR A 121 25.65 4.09 -40.28
N LEU A 122 26.04 4.72 -41.39
CA LEU A 122 27.45 5.08 -41.54
C LEU A 122 27.81 6.36 -40.80
N ILE A 123 26.86 7.26 -40.62
CA ILE A 123 27.13 8.45 -39.81
C ILE A 123 27.47 8.05 -38.38
N ALA A 124 26.70 7.13 -37.81
CA ALA A 124 26.95 6.69 -36.45
C ALA A 124 28.32 6.02 -36.33
N GLN A 125 28.61 5.07 -37.23
CA GLN A 125 29.91 4.44 -37.23
C GLN A 125 31.01 5.47 -37.33
N GLU A 126 30.85 6.45 -38.21
CA GLU A 126 31.86 7.50 -38.33
C GLU A 126 31.95 8.33 -37.06
N ILE A 127 30.81 8.56 -36.42
CA ILE A 127 30.83 9.26 -35.13
C ILE A 127 31.45 8.36 -34.05
N ARG A 128 31.10 7.06 -34.05
CA ARG A 128 31.67 6.13 -33.07
C ARG A 128 33.17 6.01 -33.24
N GLN A 129 33.67 6.07 -34.48
CA GLN A 129 35.09 6.31 -34.69
C GLN A 129 35.31 7.77 -34.29
N THR A 130 36.21 8.50 -34.93
CA THR A 130 36.38 9.92 -34.59
C THR A 130 36.49 10.16 -33.08
N ILE A 131 35.41 9.90 -32.34
CA ILE A 131 35.46 9.86 -30.88
C ILE A 131 36.63 9.01 -30.42
N PHE A 132 36.68 7.75 -30.89
CA PHE A 132 37.82 6.89 -30.59
C PHE A 132 39.12 7.63 -30.93
N ASN A 133 39.18 8.20 -32.13
CA ASN A 133 40.43 8.76 -32.62
C ASN A 133 40.87 9.97 -31.80
N GLU A 134 39.94 10.87 -31.48
CA GLU A 134 40.31 12.13 -30.84
C GLU A 134 40.28 12.08 -29.31
N LEU A 135 39.56 11.11 -28.72
CA LEU A 135 39.46 11.04 -27.26
C LEU A 135 39.97 9.73 -26.66
N GLN A 136 40.25 8.71 -27.47
CA GLN A 136 40.65 7.38 -27.00
C GLN A 136 39.58 6.73 -26.13
N LEU A 137 38.31 7.02 -26.43
CA LEU A 137 37.18 6.44 -25.72
C LEU A 137 36.27 5.78 -26.73
N THR A 138 35.56 4.75 -26.30
CA THR A 138 34.63 4.07 -27.19
C THR A 138 33.20 4.44 -26.87
N ALA A 139 32.35 4.40 -27.90
CA ALA A 139 30.93 4.66 -27.77
C ALA A 139 30.16 3.63 -28.56
N SER A 140 28.93 3.41 -28.13
CA SER A 140 27.99 2.55 -28.82
C SER A 140 26.85 3.41 -29.34
N ALA A 141 26.19 2.93 -30.40
CA ALA A 141 25.11 3.70 -31.01
C ALA A 141 23.91 2.84 -31.34
N GLY A 142 22.77 3.50 -31.39
CA GLY A 142 21.55 2.89 -31.88
C GLY A 142 20.97 3.79 -32.95
N VAL A 143 20.48 3.17 -34.04
CA VAL A 143 19.82 3.89 -35.14
C VAL A 143 18.41 3.33 -35.29
N ALA A 144 17.43 4.23 -35.41
CA ALA A 144 16.03 3.84 -35.43
C ALA A 144 15.24 5.01 -36.01
N PRO A 145 13.95 4.81 -36.30
CA PRO A 145 13.15 5.93 -36.82
C PRO A 145 12.55 6.82 -35.73
N VAL A 146 12.77 6.52 -34.45
CA VAL A 146 12.18 7.26 -33.33
C VAL A 146 13.16 7.17 -32.15
N LYS A 147 12.99 8.10 -31.20
CA LYS A 147 13.92 8.22 -30.08
C LYS A 147 14.08 6.92 -29.28
N PHE A 148 12.97 6.39 -28.77
CA PHE A 148 13.05 5.33 -27.78
C PHE A 148 13.61 4.05 -28.39
N LEU A 149 13.24 3.76 -29.65
CA LEU A 149 13.84 2.60 -30.30
C LEU A 149 15.32 2.84 -30.57
N ALA A 150 15.74 4.08 -30.86
CA ALA A 150 17.17 4.28 -31.06
C ALA A 150 17.94 4.09 -29.76
N LYS A 151 17.32 4.44 -28.62
CA LYS A 151 17.98 4.28 -27.33
C LYS A 151 18.08 2.81 -26.97
N ILE A 152 16.99 2.06 -27.18
CA ILE A 152 17.05 0.62 -26.93
C ILE A 152 18.13 -0.04 -27.77
N ALA A 153 18.19 0.33 -29.05
CA ALA A 153 19.14 -0.28 -29.97
C ALA A 153 20.57 0.01 -29.55
N SER A 154 20.82 1.13 -28.87
CA SER A 154 22.18 1.45 -28.51
C SER A 154 22.70 0.51 -27.43
N ASP A 155 21.80 -0.18 -26.73
CA ASP A 155 22.18 -1.22 -25.79
C ASP A 155 22.47 -2.57 -26.44
N MET A 156 22.04 -2.78 -27.70
CA MET A 156 22.04 -4.14 -28.28
C MET A 156 23.45 -4.67 -28.50
N ASN A 157 24.34 -3.84 -29.01
CA ASN A 157 25.68 -4.26 -29.33
C ASN A 157 26.71 -3.50 -28.51
N LYS A 158 26.50 -3.42 -27.20
CA LYS A 158 27.39 -2.70 -26.32
C LYS A 158 28.36 -3.69 -25.64
N PRO A 159 29.65 -3.35 -25.50
CA PRO A 159 30.37 -2.10 -25.79
C PRO A 159 30.91 -1.99 -27.21
N ASN A 160 31.20 -0.75 -27.61
CA ASN A 160 31.89 -0.46 -28.88
C ASN A 160 31.17 -1.12 -30.07
N GLY A 161 29.87 -0.88 -30.16
CA GLY A 161 29.12 -1.44 -31.27
C GLY A 161 27.86 -0.62 -31.53
N GLN A 162 27.15 -1.02 -32.57
CA GLN A 162 25.92 -0.30 -32.91
C GLN A 162 24.92 -1.27 -33.46
N PHE A 163 23.68 -0.81 -33.52
CA PHE A 163 22.58 -1.64 -33.97
C PHE A 163 21.58 -0.73 -34.67
N VAL A 164 21.09 -1.19 -35.82
CA VAL A 164 20.16 -0.45 -36.66
C VAL A 164 18.83 -1.17 -36.66
N ILE A 165 17.75 -0.44 -36.38
CA ILE A 165 16.40 -0.93 -36.56
C ILE A 165 15.76 -0.14 -37.69
N THR A 166 15.44 -0.81 -38.80
CA THR A 166 14.69 -0.20 -39.92
C THR A 166 13.19 -0.25 -39.64
N PRO A 167 12.41 0.57 -40.36
CA PRO A 167 10.95 0.47 -40.19
C PRO A 167 10.40 -0.90 -40.52
N ALA A 168 11.06 -1.62 -41.43
CA ALA A 168 10.67 -3.01 -41.72
C ALA A 168 10.84 -3.89 -40.49
N GLU A 169 11.96 -3.74 -39.76
CA GLU A 169 12.25 -4.53 -38.57
C GLU A 169 11.43 -4.14 -37.33
N VAL A 170 10.70 -3.03 -37.33
CA VAL A 170 10.13 -2.53 -36.08
C VAL A 170 9.06 -3.43 -35.48
N PRO A 171 8.05 -3.92 -36.21
CA PRO A 171 7.03 -4.75 -35.56
C PRO A 171 7.59 -6.06 -35.02
N ALA A 172 8.59 -6.64 -35.69
CA ALA A 172 9.25 -7.83 -35.15
C ALA A 172 9.94 -7.50 -33.84
N PHE A 173 10.84 -6.50 -33.86
CA PHE A 173 11.51 -6.04 -32.65
C PHE A 173 10.54 -5.85 -31.51
N LEU A 174 9.41 -5.21 -31.76
CA LEU A 174 8.49 -4.83 -30.70
C LEU A 174 7.79 -6.01 -30.06
N GLN A 175 7.62 -7.12 -30.79
CA GLN A 175 6.65 -8.12 -30.35
C GLN A 175 7.07 -8.79 -29.03
N THR A 176 8.36 -9.10 -28.84
CA THR A 176 8.82 -9.65 -27.57
C THR A 176 9.59 -8.65 -26.72
N LEU A 177 9.58 -7.38 -27.10
CA LEU A 177 10.31 -6.37 -26.35
C LEU A 177 9.71 -6.20 -24.97
N PRO A 178 10.43 -6.53 -23.90
CA PRO A 178 9.89 -6.28 -22.55
C PRO A 178 9.59 -4.81 -22.35
N LEU A 179 8.45 -4.55 -21.73
CA LEU A 179 8.05 -3.17 -21.42
C LEU A 179 9.14 -2.43 -20.65
N ALA A 180 9.80 -3.13 -19.73
CA ALA A 180 10.75 -2.48 -18.83
C ALA A 180 11.90 -1.85 -19.59
N LYS A 181 12.15 -2.29 -20.83
CA LYS A 181 13.21 -1.66 -21.63
C LYS A 181 12.80 -0.29 -22.17
N ILE A 182 11.52 0.04 -22.10
CA ILE A 182 11.08 1.36 -22.56
C ILE A 182 11.53 2.42 -21.56
N PRO A 183 12.29 3.43 -21.99
CA PRO A 183 12.60 4.57 -21.10
C PRO A 183 11.33 5.18 -20.50
N GLY A 184 11.36 5.36 -19.17
CA GLY A 184 10.18 5.80 -18.45
C GLY A 184 9.35 4.70 -17.87
N VAL A 185 9.62 3.46 -18.24
CA VAL A 185 9.00 2.33 -17.58
C VAL A 185 10.07 1.78 -16.67
N GLY A 186 10.02 2.19 -15.40
CA GLY A 186 10.97 1.75 -14.40
C GLY A 186 10.38 0.69 -13.49
N LYS A 187 11.06 0.48 -12.36
CA LYS A 187 10.76 -0.61 -11.44
C LYS A 187 9.28 -0.67 -11.11
N VAL A 188 8.72 0.44 -10.63
CA VAL A 188 7.37 0.44 -10.12
C VAL A 188 6.38 0.11 -11.23
N SER A 189 6.46 0.88 -12.33
CA SER A 189 5.49 0.73 -13.40
C SER A 189 5.56 -0.68 -13.98
N ALA A 190 6.77 -1.22 -14.13
CA ALA A 190 6.90 -2.56 -14.70
C ALA A 190 6.28 -3.60 -13.78
N ALA A 191 6.45 -3.45 -12.46
CA ALA A 191 5.84 -4.40 -11.54
C ALA A 191 4.31 -4.31 -11.60
N LYS A 192 3.76 -3.10 -11.76
CA LYS A 192 2.32 -2.94 -11.94
C LYS A 192 1.85 -3.55 -13.25
N LEU A 193 2.64 -3.41 -14.32
CA LEU A 193 2.23 -3.96 -15.60
C LEU A 193 2.30 -5.48 -15.59
N GLU A 194 3.37 -6.04 -14.99
CA GLU A 194 3.50 -7.49 -14.84
C GLU A 194 2.34 -8.09 -14.06
N ALA A 195 1.84 -7.37 -13.07
CA ALA A 195 0.74 -7.89 -12.26
C ALA A 195 -0.59 -7.88 -12.98
N MET A 196 -0.62 -7.40 -14.23
CA MET A 196 -1.79 -7.53 -15.09
C MET A 196 -1.54 -8.44 -16.28
N GLY A 197 -0.39 -9.11 -16.33
CA GLY A 197 0.00 -9.93 -17.45
C GLY A 197 0.73 -9.18 -18.54
N LEU A 198 0.90 -7.87 -18.39
CA LEU A 198 1.55 -7.08 -19.42
C LEU A 198 3.06 -7.11 -19.17
N ARG A 199 3.77 -7.83 -20.02
CA ARG A 199 5.21 -7.93 -19.89
C ARG A 199 5.96 -7.32 -21.06
N THR A 200 5.43 -7.45 -22.28
CA THR A 200 6.08 -6.97 -23.47
C THR A 200 5.12 -6.07 -24.25
N CYS A 201 5.68 -5.36 -25.24
CA CYS A 201 4.87 -4.50 -26.07
C CYS A 201 3.81 -5.31 -26.82
N GLY A 202 4.17 -6.51 -27.26
CA GLY A 202 3.17 -7.41 -27.86
C GLY A 202 1.94 -7.58 -27.00
N ASP A 203 2.12 -7.66 -25.67
CA ASP A 203 0.96 -7.79 -24.79
C ASP A 203 0.15 -6.51 -24.73
N VAL A 204 0.80 -5.36 -24.87
CA VAL A 204 0.10 -4.08 -24.76
C VAL A 204 -0.68 -3.82 -26.03
N GLN A 205 -0.16 -4.28 -27.17
CA GLN A 205 -0.90 -4.15 -28.42
C GLN A 205 -2.28 -4.78 -28.33
N LYS A 206 -2.39 -5.88 -27.61
CA LYS A 206 -3.67 -6.54 -27.37
C LYS A 206 -4.54 -5.82 -26.35
N CYS A 207 -4.20 -4.58 -25.98
CA CYS A 207 -4.94 -3.81 -24.99
C CYS A 207 -5.68 -2.64 -25.64
N ASP A 208 -6.54 -2.01 -24.84
CA ASP A 208 -7.38 -0.90 -25.26
C ASP A 208 -6.87 0.41 -24.67
N LEU A 209 -6.64 1.39 -25.55
CA LEU A 209 -6.16 2.71 -25.13
C LEU A 209 -7.09 3.35 -24.11
N VAL A 210 -8.39 3.10 -24.21
CA VAL A 210 -9.31 3.68 -23.23
C VAL A 210 -9.00 3.15 -21.84
N MET A 211 -8.98 1.82 -21.70
CA MET A 211 -8.72 1.23 -20.39
C MET A 211 -7.33 1.58 -19.90
N LEU A 212 -6.35 1.68 -20.81
CA LEU A 212 -5.02 2.12 -20.41
C LEU A 212 -5.03 3.56 -19.93
N LEU A 213 -5.88 4.40 -20.51
CA LEU A 213 -5.99 5.78 -20.05
C LEU A 213 -6.57 5.85 -18.65
N LYS A 214 -7.45 4.91 -18.32
CA LYS A 214 -7.95 4.80 -16.95
C LYS A 214 -6.82 4.44 -15.99
N ARG A 215 -6.16 3.30 -16.21
CA ARG A 215 -5.25 2.76 -15.21
C ARG A 215 -3.94 3.53 -15.09
N PHE A 216 -3.57 4.34 -16.08
CA PHE A 216 -2.31 5.05 -15.99
C PHE A 216 -2.40 6.51 -16.39
N GLY A 217 -3.58 7.01 -16.72
CA GLY A 217 -3.67 8.40 -17.14
C GLY A 217 -2.86 8.60 -18.40
N LYS A 218 -2.20 9.76 -18.51
CA LYS A 218 -1.48 9.97 -19.76
C LYS A 218 -0.23 9.13 -19.85
N PHE A 219 0.13 8.40 -18.80
CA PHE A 219 1.17 7.38 -18.96
C PHE A 219 0.66 6.20 -19.79
N GLY A 220 -0.62 5.88 -19.71
CA GLY A 220 -1.14 4.74 -20.46
C GLY A 220 -1.21 5.00 -21.95
N ARG A 221 -1.47 6.27 -22.33
CA ARG A 221 -1.31 6.65 -23.74
C ARG A 221 0.13 6.49 -24.18
N ILE A 222 1.09 6.79 -23.30
CA ILE A 222 2.50 6.63 -23.68
C ILE A 222 2.83 5.15 -23.86
N LEU A 223 2.35 4.29 -22.96
CA LEU A 223 2.55 2.85 -23.09
C LEU A 223 1.97 2.34 -24.41
N TRP A 224 0.72 2.71 -24.67
CA TRP A 224 0.06 2.32 -25.91
C TRP A 224 0.87 2.71 -27.14
N GLU A 225 1.32 3.97 -27.21
CA GLU A 225 2.07 4.44 -28.36
C GLU A 225 3.39 3.70 -28.50
N ARG A 226 4.15 3.63 -27.42
CA ARG A 226 5.46 3.02 -27.47
C ARG A 226 5.37 1.55 -27.87
N SER A 227 4.32 0.87 -27.43
CA SER A 227 4.23 -0.55 -27.76
C SER A 227 3.98 -0.77 -29.24
N GLN A 228 3.69 0.28 -30.00
CA GLN A 228 3.45 0.17 -31.43
C GLN A 228 4.51 0.87 -32.24
N GLY A 229 5.63 1.23 -31.64
CA GLY A 229 6.64 1.98 -32.36
C GLY A 229 6.36 3.46 -32.52
N ILE A 230 5.28 3.98 -31.93
CA ILE A 230 4.94 5.39 -32.08
C ILE A 230 5.73 6.23 -31.07
N ASP A 231 6.57 7.12 -31.58
CA ASP A 231 7.25 8.07 -30.70
C ASP A 231 7.49 9.34 -31.51
N GLU A 232 6.53 10.27 -31.42
CA GLU A 232 6.57 11.53 -32.17
C GLU A 232 7.50 12.57 -31.56
N ARG A 233 8.10 12.31 -30.40
CA ARG A 233 8.92 13.32 -29.74
C ARG A 233 10.11 13.69 -30.64
N ASP A 234 10.35 14.98 -30.78
CA ASP A 234 11.35 15.49 -31.70
C ASP A 234 12.67 15.70 -30.96
N VAL A 235 13.78 15.49 -31.65
CA VAL A 235 15.06 15.84 -31.05
C VAL A 235 15.04 17.35 -30.82
N ASN A 236 15.24 17.77 -29.57
CA ASN A 236 14.84 19.15 -29.27
C ASN A 236 15.95 20.16 -29.56
N SER A 237 17.09 20.02 -28.90
CA SER A 237 18.30 20.82 -29.11
C SER A 237 18.23 22.19 -28.42
N GLU A 238 17.07 22.63 -27.96
CA GLU A 238 16.93 23.93 -27.33
C GLU A 238 16.76 23.87 -25.80
N ARG A 239 17.00 22.73 -25.18
CA ARG A 239 16.62 22.58 -23.79
C ARG A 239 17.59 23.26 -22.84
N LEU A 240 17.03 23.86 -21.80
CA LEU A 240 17.78 24.64 -20.83
C LEU A 240 17.56 24.10 -19.43
N ARG A 241 18.61 24.19 -18.62
CA ARG A 241 18.51 23.72 -17.25
C ARG A 241 17.52 24.60 -16.48
N LYS A 242 16.64 23.96 -15.73
CA LYS A 242 15.60 24.64 -14.97
C LYS A 242 15.84 24.72 -13.46
N SER A 243 16.82 24.01 -12.91
CA SER A 243 17.01 23.98 -11.46
C SER A 243 18.49 23.77 -11.17
N VAL A 244 18.91 24.12 -9.96
CA VAL A 244 20.23 23.78 -9.44
C VAL A 244 20.07 23.19 -8.06
N GLY A 245 20.77 22.08 -7.81
CA GLY A 245 20.66 21.38 -6.54
C GLY A 245 22.00 20.96 -5.99
N VAL A 246 22.16 21.07 -4.67
CA VAL A 246 23.40 20.74 -3.97
C VAL A 246 22.98 20.01 -2.70
N GLU A 247 23.33 18.73 -2.59
CA GLU A 247 22.96 17.97 -1.41
C GLU A 247 24.10 17.05 -1.06
N ARG A 248 24.20 16.70 0.23
CA ARG A 248 25.19 15.72 0.62
C ARG A 248 24.58 14.74 1.62
N THR A 249 25.00 13.47 1.51
CA THR A 249 24.66 12.43 2.47
C THR A 249 25.86 12.24 3.38
N MET A 250 25.65 12.35 4.69
CA MET A 250 26.77 12.27 5.62
C MET A 250 27.13 10.84 6.00
N ALA A 251 28.41 10.63 6.33
CA ALA A 251 28.89 9.30 6.70
C ALA A 251 28.09 8.74 7.87
N GLU A 252 27.77 9.58 8.84
CA GLU A 252 26.90 9.22 9.96
C GLU A 252 25.67 10.11 9.93
N ASP A 253 24.53 9.60 10.37
CA ASP A 253 23.37 10.46 10.45
C ASP A 253 23.57 11.54 11.51
N ILE A 254 22.83 12.63 11.36
CA ILE A 254 22.86 13.72 12.32
C ILE A 254 21.53 13.77 13.06
N HIS A 255 21.60 14.18 14.33
CA HIS A 255 20.45 14.22 15.20
C HIS A 255 20.27 15.57 15.89
N HIS A 256 21.16 16.53 15.67
CA HIS A 256 21.05 17.85 16.30
C HIS A 256 21.04 18.95 15.27
N TRP A 257 20.16 19.94 15.46
CA TRP A 257 20.09 21.06 14.53
C TRP A 257 21.43 21.75 14.35
N SER A 258 22.28 21.77 15.38
CA SER A 258 23.60 22.39 15.19
C SER A 258 24.36 21.70 14.07
N GLU A 259 24.21 20.38 13.95
CA GLU A 259 24.87 19.64 12.87
C GLU A 259 24.26 20.00 11.53
N CYS A 260 22.93 20.03 11.46
CA CYS A 260 22.25 20.38 10.22
C CYS A 260 22.69 21.75 9.73
N GLU A 261 22.67 22.74 10.64
CA GLU A 261 23.08 24.08 10.26
C GLU A 261 24.53 24.10 9.77
N ALA A 262 25.42 23.37 10.45
CA ALA A 262 26.80 23.28 9.98
C ALA A 262 26.89 22.71 8.56
N ILE A 263 26.01 21.75 8.21
CA ILE A 263 26.03 21.19 6.85
C ILE A 263 25.66 22.27 5.83
N ILE A 264 24.56 22.95 6.09
CA ILE A 264 24.12 24.02 5.20
C ILE A 264 25.22 25.03 4.97
N GLU A 265 25.99 25.34 6.01
CA GLU A 265 27.03 26.34 5.86
C GLU A 265 28.09 25.89 4.87
N ARG A 266 28.34 24.59 4.78
CA ARG A 266 29.27 24.14 3.75
C ARG A 266 28.59 24.02 2.40
N LEU A 267 27.30 23.68 2.38
CA LEU A 267 26.59 23.54 1.10
C LEU A 267 26.37 24.88 0.42
N TYR A 268 25.98 25.92 1.18
CA TYR A 268 25.55 27.17 0.55
C TYR A 268 26.57 27.75 -0.42
N PRO A 269 27.86 27.89 -0.05
CA PRO A 269 28.81 28.48 -1.01
C PRO A 269 28.93 27.68 -2.30
N GLU A 270 28.80 26.36 -2.24
CA GLU A 270 28.85 25.55 -3.45
C GLU A 270 27.66 25.86 -4.35
N LEU A 271 26.46 26.00 -3.77
CA LEU A 271 25.29 26.35 -4.58
C LEU A 271 25.41 27.75 -5.17
N GLU A 272 25.95 28.69 -4.38
CA GLU A 272 26.17 30.04 -4.91
C GLU A 272 27.14 30.01 -6.08
N ARG A 273 28.24 29.27 -5.96
CA ARG A 273 29.23 29.25 -7.02
C ARG A 273 28.67 28.65 -8.31
N ARG A 274 27.83 27.62 -8.20
CA ARG A 274 27.29 27.00 -9.41
C ARG A 274 26.15 27.82 -10.01
N LEU A 275 25.32 28.43 -9.16
CA LEU A 275 24.29 29.33 -9.66
C LEU A 275 24.91 30.51 -10.39
N ALA A 276 25.98 31.07 -9.82
CA ALA A 276 26.61 32.26 -10.39
C ALA A 276 27.19 32.00 -11.78
N LYS A 277 27.56 30.75 -12.09
CA LYS A 277 28.05 30.42 -13.42
C LYS A 277 26.99 30.64 -14.50
N VAL A 278 25.73 30.33 -14.18
CA VAL A 278 24.63 30.49 -15.12
C VAL A 278 23.76 31.72 -14.80
N LYS A 279 24.05 32.42 -13.71
CA LYS A 279 23.24 33.58 -13.31
C LYS A 279 24.05 34.45 -12.37
N PRO A 280 24.88 35.33 -12.92
CA PRO A 280 25.80 36.11 -12.07
C PRO A 280 25.11 36.95 -11.01
N ASP A 281 23.91 37.42 -11.28
CA ASP A 281 23.23 38.26 -10.29
C ASP A 281 22.46 37.46 -9.25
N LEU A 282 22.43 36.13 -9.39
CA LEU A 282 21.85 35.20 -8.43
C LEU A 282 20.33 35.28 -8.38
N LEU A 283 19.70 35.92 -9.36
CA LEU A 283 18.24 36.06 -9.36
C LEU A 283 17.60 34.75 -9.83
N ILE A 284 16.60 34.30 -9.08
CA ILE A 284 16.01 32.97 -9.20
C ILE A 284 14.49 33.11 -9.07
N ALA A 285 13.79 31.99 -9.23
CA ALA A 285 12.35 31.99 -9.07
C ALA A 285 11.91 31.42 -7.72
N ARG A 286 12.59 30.40 -7.22
CA ARG A 286 12.26 29.74 -5.98
C ARG A 286 13.56 29.19 -5.41
N GLN A 287 13.63 29.07 -4.09
CA GLN A 287 14.71 28.35 -3.44
C GLN A 287 14.12 27.48 -2.33
N GLY A 288 14.89 26.53 -1.85
CA GLY A 288 14.31 25.57 -0.94
C GLY A 288 15.31 24.56 -0.46
N VAL A 289 14.82 23.64 0.34
CA VAL A 289 15.69 22.74 1.08
C VAL A 289 15.12 21.33 1.03
N LYS A 290 15.98 20.37 1.37
CA LYS A 290 15.64 18.96 1.35
C LYS A 290 16.27 18.28 2.56
N LEU A 291 15.49 17.48 3.27
CA LEU A 291 16.02 16.57 4.28
C LEU A 291 15.64 15.12 3.94
N LYS A 292 16.59 14.22 4.09
CA LYS A 292 16.30 12.78 3.97
C LYS A 292 16.63 12.12 5.30
N PHE A 293 15.65 11.41 5.86
CA PHE A 293 15.73 10.83 7.19
C PHE A 293 16.35 9.42 7.22
N ASP A 294 16.41 8.88 8.44
CA ASP A 294 17.04 7.59 8.76
C ASP A 294 16.39 6.43 8.02
N ASP A 295 15.05 6.46 7.94
CA ASP A 295 14.21 5.43 7.34
C ASP A 295 14.04 5.61 5.83
N PHE A 296 14.46 6.76 5.29
CA PHE A 296 14.60 7.09 3.86
C PHE A 296 13.46 7.90 3.29
N GLN A 297 12.44 8.22 4.10
CA GLN A 297 11.44 9.19 3.69
C GLN A 297 12.12 10.53 3.41
N GLN A 298 11.49 11.33 2.52
CA GLN A 298 12.10 12.54 2.01
C GLN A 298 11.08 13.67 2.06
N THR A 299 11.56 14.87 2.36
CA THR A 299 10.69 16.04 2.30
C THR A 299 11.48 17.22 1.75
N THR A 300 10.77 18.05 1.01
CA THR A 300 11.32 19.24 0.38
C THR A 300 10.45 20.42 0.78
N GLN A 301 11.07 21.58 0.95
CA GLN A 301 10.31 22.79 1.22
C GLN A 301 10.92 23.91 0.41
N GLU A 302 10.12 24.55 -0.42
CA GLU A 302 10.62 25.58 -1.31
C GLU A 302 9.50 26.56 -1.62
N HIS A 303 9.89 27.78 -1.95
CA HIS A 303 8.93 28.86 -2.11
C HIS A 303 9.50 29.89 -3.09
N VAL A 304 8.62 30.58 -3.81
CA VAL A 304 9.06 31.72 -4.59
C VAL A 304 9.95 32.65 -3.73
N TRP A 305 10.96 33.20 -4.36
CA TRP A 305 12.00 33.98 -3.69
C TRP A 305 12.86 34.56 -4.80
N PRO A 306 13.32 35.80 -4.68
CA PRO A 306 13.83 36.50 -5.86
C PRO A 306 15.32 36.32 -6.08
N ARG A 307 16.06 35.93 -5.05
CA ARG A 307 17.52 35.97 -5.10
C ARG A 307 18.09 35.07 -4.02
N LEU A 308 19.01 34.17 -4.39
CA LEU A 308 19.65 33.24 -3.46
C LEU A 308 19.94 33.92 -2.14
N ASN A 309 19.55 33.28 -1.03
CA ASN A 309 19.73 33.86 0.29
C ASN A 309 20.01 32.76 1.32
N LYS A 310 21.21 32.76 1.91
CA LYS A 310 21.60 31.70 2.84
C LYS A 310 20.72 31.65 4.08
N ALA A 311 20.41 32.82 4.64
CA ALA A 311 19.67 32.86 5.90
C ALA A 311 18.26 32.31 5.75
N ASP A 312 17.59 32.64 4.63
CA ASP A 312 16.28 32.08 4.42
C ASP A 312 16.35 30.57 4.21
N LEU A 313 17.45 30.06 3.66
CA LEU A 313 17.56 28.60 3.53
C LEU A 313 17.78 27.95 4.89
N ILE A 314 18.63 28.55 5.72
CA ILE A 314 18.78 28.07 7.09
C ILE A 314 17.44 28.13 7.81
N ALA A 315 16.75 29.28 7.70
CA ALA A 315 15.42 29.43 8.29
C ALA A 315 14.50 28.29 7.87
N THR A 316 14.35 28.11 6.56
CA THR A 316 13.47 27.07 6.04
C THR A 316 13.87 25.70 6.56
N ALA A 317 15.16 25.39 6.56
CA ALA A 317 15.59 24.09 7.08
C ALA A 317 15.25 23.95 8.56
N ARG A 318 15.44 25.01 9.35
CA ARG A 318 15.03 24.98 10.75
C ARG A 318 13.56 24.58 10.89
N LYS A 319 12.69 25.23 10.14
CA LYS A 319 11.27 24.92 10.24
C LYS A 319 10.99 23.46 9.85
N THR A 320 11.55 23.01 8.71
CA THR A 320 11.35 21.62 8.31
C THR A 320 11.94 20.67 9.36
N TRP A 321 13.10 21.02 9.90
CA TRP A 321 13.75 20.14 10.87
C TRP A 321 12.89 19.98 12.11
N ASP A 322 12.38 21.09 12.66
CA ASP A 322 11.53 21.00 13.83
C ASP A 322 10.22 20.31 13.50
N GLU A 323 9.59 20.69 12.38
CA GLU A 323 8.22 20.28 12.14
C GLU A 323 8.05 18.87 11.59
N ARG A 324 9.13 18.18 11.16
CA ARG A 324 8.94 16.89 10.52
C ARG A 324 10.09 15.92 10.79
N ARG A 325 11.03 16.22 11.67
CA ARG A 325 12.07 15.23 11.90
C ARG A 325 11.60 14.12 12.84
N GLY A 326 10.70 14.45 13.79
CA GLY A 326 10.15 13.44 14.70
C GLY A 326 11.19 12.49 15.26
N GLY A 327 12.30 13.04 15.73
CA GLY A 327 13.29 12.24 16.41
C GLY A 327 14.18 11.38 15.55
N ARG A 328 13.95 11.30 14.22
CA ARG A 328 14.75 10.39 13.42
C ARG A 328 16.12 11.01 13.11
N GLY A 329 17.08 10.13 12.81
CA GLY A 329 18.31 10.58 12.19
C GLY A 329 18.04 11.21 10.83
N VAL A 330 18.99 12.05 10.40
CA VAL A 330 18.94 12.69 9.09
C VAL A 330 20.18 12.26 8.34
N ARG A 331 19.99 11.64 7.16
CA ARG A 331 21.13 11.17 6.39
C ARG A 331 21.55 12.15 5.30
N LEU A 332 20.65 12.99 4.81
CA LEU A 332 21.10 14.03 3.90
C LEU A 332 20.34 15.32 4.11
N VAL A 333 21.01 16.42 3.79
CA VAL A 333 20.34 17.70 3.64
C VAL A 333 20.75 18.28 2.29
N GLY A 334 19.81 18.93 1.62
CA GLY A 334 20.11 19.59 0.36
C GLY A 334 19.52 20.99 0.28
N LEU A 335 20.16 21.83 -0.55
CA LEU A 335 19.65 23.13 -0.96
C LEU A 335 19.19 23.03 -2.41
N HIS A 336 18.25 23.90 -2.80
CA HIS A 336 17.66 23.82 -4.11
C HIS A 336 17.29 25.22 -4.62
N VAL A 337 17.45 25.43 -5.92
CA VAL A 337 17.06 26.67 -6.57
C VAL A 337 16.26 26.32 -7.82
N THR A 338 15.13 26.98 -8.00
CA THR A 338 14.40 26.90 -9.25
C THR A 338 14.74 28.16 -10.05
N LEU A 339 15.19 27.97 -11.29
CA LEU A 339 15.69 29.06 -12.11
C LEU A 339 14.52 29.84 -12.72
N LEU A 340 14.76 31.12 -13.03
CA LEU A 340 13.72 31.90 -13.69
C LEU A 340 13.35 31.28 -15.03
N ASP A 341 12.09 31.51 -15.42
CA ASP A 341 11.48 30.79 -16.52
C ASP A 341 12.19 30.87 -17.87
N PRO A 342 12.78 32.01 -18.31
CA PRO A 342 13.42 32.21 -19.63
C PRO A 342 13.71 30.98 -20.48
N GLY B 1 -48.43 -4.66 24.49
CA GLY B 1 -47.06 -4.53 24.95
C GLY B 1 -46.26 -5.82 25.05
N SER B 2 -46.95 -6.96 25.10
CA SER B 2 -46.31 -8.28 25.21
C SER B 2 -46.20 -8.90 23.82
N ARG B 3 -45.06 -9.58 23.58
CA ARG B 3 -44.66 -9.99 22.25
C ARG B 3 -44.00 -11.37 22.30
N LYS B 4 -43.67 -11.90 21.13
CA LYS B 4 -43.02 -13.22 21.02
C LYS B 4 -41.78 -13.07 20.14
N ILE B 5 -40.60 -13.12 20.75
CA ILE B 5 -39.32 -12.93 20.07
C ILE B 5 -38.60 -14.26 19.97
N ILE B 6 -38.03 -14.53 18.80
CA ILE B 6 -37.22 -15.71 18.58
C ILE B 6 -35.84 -15.27 18.15
N HIS B 7 -34.81 -15.78 18.83
CA HIS B 7 -33.43 -15.62 18.40
C HIS B 7 -32.98 -16.96 17.87
N VAL B 8 -32.63 -17.02 16.59
CA VAL B 8 -32.14 -18.24 15.94
C VAL B 8 -30.63 -18.10 15.74
N ASP B 9 -29.88 -19.11 16.15
CA ASP B 9 -28.43 -19.00 16.23
C ASP B 9 -27.81 -20.30 15.71
N MET B 10 -27.15 -20.24 14.56
CA MET B 10 -26.47 -21.42 14.03
C MET B 10 -25.34 -21.88 14.94
N ASP B 11 -25.15 -23.21 15.04
CA ASP B 11 -24.16 -23.80 15.93
C ASP B 11 -22.83 -23.91 15.20
N CYS B 12 -21.77 -23.32 15.79
CA CYS B 12 -20.42 -23.36 15.23
C CYS B 12 -20.43 -23.08 13.72
N PHE B 13 -21.04 -21.95 13.37
CA PHE B 13 -21.46 -21.71 11.99
C PHE B 13 -20.36 -22.08 11.00
N PHE B 14 -19.18 -21.44 11.09
CA PHE B 14 -18.17 -21.65 10.06
C PHE B 14 -17.67 -23.08 10.06
N ALA B 15 -17.45 -23.68 11.24
CA ALA B 15 -16.96 -25.05 11.29
C ALA B 15 -18.02 -26.06 10.89
N ALA B 16 -19.30 -25.77 11.18
CA ALA B 16 -20.38 -26.65 10.75
C ALA B 16 -20.43 -26.75 9.23
N VAL B 17 -20.30 -25.62 8.53
CA VAL B 17 -20.25 -25.63 7.08
C VAL B 17 -19.07 -26.45 6.59
N GLU B 18 -17.90 -26.26 7.21
CA GLU B 18 -16.72 -26.99 6.76
C GLU B 18 -16.83 -28.48 7.11
N MET B 19 -17.40 -28.81 8.27
CA MET B 19 -17.59 -30.21 8.60
C MET B 19 -18.59 -30.87 7.65
N ARG B 20 -19.63 -30.14 7.25
CA ARG B 20 -20.61 -30.72 6.34
C ARG B 20 -19.98 -30.98 4.98
N ASP B 21 -19.34 -29.95 4.40
CA ASP B 21 -18.79 -30.08 3.06
C ASP B 21 -17.59 -31.00 3.01
N ASN B 22 -16.93 -31.26 4.14
CA ASN B 22 -15.86 -32.25 4.24
C ASN B 22 -16.15 -33.11 5.46
N PRO B 23 -16.82 -34.24 5.28
CA PRO B 23 -17.15 -35.10 6.43
C PRO B 23 -15.92 -35.63 7.17
N ALA B 24 -14.75 -35.64 6.53
CA ALA B 24 -13.54 -36.09 7.22
C ALA B 24 -13.18 -35.22 8.42
N LEU B 25 -13.74 -34.00 8.51
CA LEU B 25 -13.41 -33.08 9.60
C LEU B 25 -14.38 -33.18 10.79
N ARG B 26 -15.28 -34.17 10.80
CA ARG B 26 -16.33 -34.19 11.81
C ARG B 26 -15.76 -34.44 13.21
N ASP B 27 -14.96 -35.48 13.38
CA ASP B 27 -14.54 -35.92 14.72
C ASP B 27 -13.12 -35.52 15.09
N ILE B 28 -12.47 -34.69 14.28
CA ILE B 28 -11.15 -34.15 14.60
C ILE B 28 -11.32 -32.71 15.06
N PRO B 29 -10.36 -32.12 15.79
CA PRO B 29 -10.46 -30.71 16.19
C PRO B 29 -10.09 -29.79 15.03
N ILE B 30 -11.05 -29.00 14.56
CA ILE B 30 -10.80 -28.03 13.50
C ILE B 30 -11.15 -26.64 14.00
N ALA B 31 -10.52 -25.63 13.39
CA ALA B 31 -10.87 -24.24 13.64
C ALA B 31 -10.66 -23.43 12.37
N ILE B 32 -11.47 -22.40 12.19
CA ILE B 32 -11.30 -21.47 11.09
C ILE B 32 -10.59 -20.25 11.66
N GLY B 33 -9.44 -19.90 11.09
CA GLY B 33 -8.74 -18.71 11.54
C GLY B 33 -7.47 -18.51 10.75
N GLY B 34 -6.84 -17.36 11.00
CA GLY B 34 -5.60 -17.03 10.32
C GLY B 34 -4.41 -17.76 10.91
N SER B 35 -3.45 -18.10 10.05
CA SER B 35 -2.29 -18.86 10.50
C SER B 35 -1.51 -18.09 11.56
N ARG B 36 -0.71 -18.84 12.32
CA ARG B 36 0.17 -18.24 13.31
C ARG B 36 1.18 -17.30 12.67
N GLU B 37 1.66 -17.64 11.47
CA GLU B 37 2.64 -16.82 10.78
C GLU B 37 2.05 -15.49 10.32
N ARG B 38 0.78 -15.48 9.96
CA ARG B 38 0.07 -14.26 9.58
C ARG B 38 -0.48 -13.49 10.78
N ARG B 39 -0.01 -13.85 11.99
CA ARG B 39 -0.43 -13.24 13.24
C ARG B 39 -1.95 -13.28 13.41
N GLY B 40 -2.53 -14.46 13.09
CA GLY B 40 -3.97 -14.63 13.06
C GLY B 40 -4.60 -15.01 14.41
N VAL B 41 -5.92 -15.19 14.34
CA VAL B 41 -6.81 -15.39 15.46
C VAL B 41 -7.84 -16.42 15.01
N ILE B 42 -8.37 -17.18 15.96
CA ILE B 42 -9.43 -18.14 15.65
C ILE B 42 -10.75 -17.40 15.47
N SER B 43 -11.45 -17.67 14.36
CA SER B 43 -12.81 -17.18 14.18
C SER B 43 -13.80 -18.04 14.98
N THR B 44 -13.68 -19.35 14.87
CA THR B 44 -14.53 -20.31 15.57
C THR B 44 -13.91 -21.70 15.45
N ALA B 45 -14.43 -22.62 16.27
CA ALA B 45 -13.91 -23.98 16.32
C ALA B 45 -15.07 -24.95 16.56
N ASN B 46 -14.87 -26.21 16.18
CA ASN B 46 -15.90 -27.20 16.44
C ASN B 46 -15.77 -27.73 17.86
N TYR B 47 -16.74 -28.54 18.28
CA TYR B 47 -16.75 -29.00 19.66
C TYR B 47 -15.54 -29.88 20.02
N PRO B 48 -15.03 -30.74 19.14
CA PRO B 48 -13.76 -31.41 19.47
C PRO B 48 -12.64 -30.44 19.81
N ALA B 49 -12.58 -29.29 19.13
CA ALA B 49 -11.52 -28.34 19.43
C ALA B 49 -11.78 -27.61 20.75
N ARG B 50 -13.05 -27.31 21.05
CA ARG B 50 -13.36 -26.58 22.28
C ARG B 50 -13.11 -27.41 23.53
N LYS B 51 -13.07 -28.75 23.38
CA LYS B 51 -12.74 -29.60 24.52
C LYS B 51 -11.37 -29.25 25.07
N PHE B 52 -10.45 -28.82 24.21
CA PHE B 52 -9.10 -28.44 24.62
C PHE B 52 -9.00 -26.98 25.07
N GLY B 53 -10.06 -26.19 24.91
CA GLY B 53 -10.04 -24.79 25.32
C GLY B 53 -10.05 -23.80 24.18
N VAL B 54 -10.01 -24.25 22.92
CA VAL B 54 -9.98 -23.34 21.80
C VAL B 54 -11.28 -22.55 21.76
N ARG B 55 -11.16 -21.23 21.75
CA ARG B 55 -12.32 -20.32 21.74
C ARG B 55 -12.18 -19.32 20.59
N SER B 56 -13.31 -18.74 20.22
CA SER B 56 -13.30 -17.58 19.34
C SER B 56 -12.44 -16.46 19.92
N ALA B 57 -11.77 -15.72 19.03
CA ALA B 57 -10.92 -14.58 19.32
C ALA B 57 -9.59 -14.98 19.92
N MET B 58 -9.36 -16.26 20.18
CA MET B 58 -8.10 -16.72 20.73
C MET B 58 -6.99 -16.57 19.69
N PRO B 59 -5.82 -16.05 20.05
CA PRO B 59 -4.71 -16.00 19.09
C PRO B 59 -4.33 -17.40 18.61
N THR B 60 -4.14 -17.54 17.30
CA THR B 60 -3.94 -18.85 16.69
C THR B 60 -2.77 -19.60 17.32
N GLY B 61 -1.80 -18.88 17.89
CA GLY B 61 -0.67 -19.56 18.51
C GLY B 61 -1.03 -20.17 19.85
N MET B 62 -1.87 -19.48 20.62
CA MET B 62 -2.36 -20.08 21.86
C MET B 62 -3.25 -21.27 21.57
N ALA B 63 -4.02 -21.23 20.47
CA ALA B 63 -4.89 -22.35 20.13
C ALA B 63 -4.09 -23.61 19.79
N LEU B 64 -2.96 -23.45 19.08
CA LEU B 64 -2.12 -24.61 18.79
C LEU B 64 -1.40 -25.10 20.05
N LYS B 65 -1.15 -24.20 20.99
CA LYS B 65 -0.56 -24.60 22.26
C LYS B 65 -1.54 -25.42 23.09
N LEU B 66 -2.83 -25.11 23.02
CA LEU B 66 -3.81 -25.88 23.76
C LEU B 66 -4.20 -27.14 23.02
N CYS B 67 -4.14 -27.12 21.69
CA CYS B 67 -4.64 -28.20 20.85
C CYS B 67 -3.65 -28.48 19.73
N PRO B 68 -2.59 -29.23 20.03
CA PRO B 68 -1.55 -29.53 19.02
C PRO B 68 -2.08 -30.18 17.75
N HIS B 69 -3.15 -30.96 17.82
CA HIS B 69 -3.65 -31.61 16.62
C HIS B 69 -4.63 -30.74 15.83
N LEU B 70 -4.75 -29.47 16.19
CA LEU B 70 -5.72 -28.58 15.58
C LEU B 70 -5.51 -28.51 14.07
N THR B 71 -6.58 -28.74 13.32
CA THR B 71 -6.58 -28.47 11.89
C THR B 71 -7.06 -27.05 11.67
N LEU B 72 -6.24 -26.23 11.02
CA LEU B 72 -6.54 -24.82 10.83
C LEU B 72 -7.08 -24.63 9.42
N LEU B 73 -8.26 -24.02 9.31
CA LEU B 73 -8.89 -23.77 8.02
C LEU B 73 -8.90 -22.27 7.71
N PRO B 74 -8.70 -21.89 6.45
CA PRO B 74 -8.75 -20.46 6.10
C PRO B 74 -10.17 -19.93 6.04
N GLY B 75 -11.16 -20.80 5.84
CA GLY B 75 -12.53 -20.40 5.67
C GLY B 75 -12.78 -19.84 4.28
N ARG B 76 -14.05 -19.86 3.88
CA ARG B 76 -14.44 -19.34 2.58
C ARG B 76 -15.76 -18.57 2.79
N PHE B 77 -15.64 -17.25 2.77
CA PHE B 77 -16.78 -16.37 2.96
C PHE B 77 -17.98 -16.79 2.11
N ASP B 78 -17.75 -17.07 0.82
CA ASP B 78 -18.88 -17.28 -0.08
C ASP B 78 -19.66 -18.56 0.22
N ALA B 79 -19.03 -19.57 0.80
CA ALA B 79 -19.82 -20.70 1.29
C ALA B 79 -20.67 -20.29 2.49
N TYR B 80 -20.11 -19.47 3.38
CA TYR B 80 -20.86 -19.06 4.55
C TYR B 80 -21.94 -18.03 4.21
N LYS B 81 -21.71 -17.23 3.17
CA LYS B 81 -22.70 -16.21 2.79
C LYS B 81 -23.92 -16.86 2.13
N GLU B 82 -23.71 -17.95 1.38
CA GLU B 82 -24.84 -18.62 0.74
C GLU B 82 -25.72 -19.31 1.77
N ALA B 83 -25.12 -19.90 2.81
CA ALA B 83 -25.91 -20.46 3.91
C ALA B 83 -26.73 -19.37 4.60
N SER B 84 -26.10 -18.21 4.85
CA SER B 84 -26.76 -17.12 5.58
C SER B 84 -27.96 -16.58 4.83
N ASN B 85 -27.81 -16.35 3.53
CA ASN B 85 -28.94 -15.87 2.73
C ASN B 85 -30.07 -16.89 2.70
N HIS B 86 -29.72 -18.17 2.57
CA HIS B 86 -30.73 -19.23 2.58
C HIS B 86 -31.51 -19.24 3.89
N ILE B 87 -30.79 -19.26 5.01
CA ILE B 87 -31.44 -19.28 6.32
C ILE B 87 -32.33 -18.06 6.50
N ARG B 88 -31.88 -16.89 6.03
CA ARG B 88 -32.72 -15.71 6.13
C ARG B 88 -33.96 -15.81 5.26
N GLU B 89 -33.89 -16.53 4.13
CA GLU B 89 -35.09 -16.75 3.33
C GLU B 89 -36.04 -17.70 4.04
N ILE B 90 -35.51 -18.72 4.69
CA ILE B 90 -36.33 -19.58 5.54
C ILE B 90 -37.07 -18.75 6.59
N PHE B 91 -36.38 -17.79 7.22
CA PHE B 91 -37.05 -16.92 8.19
C PHE B 91 -38.21 -16.16 7.56
N SER B 92 -38.04 -15.69 6.33
CA SER B 92 -39.08 -14.89 5.68
C SER B 92 -40.32 -15.70 5.39
N ARG B 93 -40.20 -17.03 5.31
CA ARG B 93 -41.40 -17.86 5.19
C ARG B 93 -42.33 -17.66 6.37
N TYR B 94 -41.80 -17.36 7.55
CA TYR B 94 -42.62 -17.27 8.75
C TYR B 94 -42.94 -15.85 9.17
N THR B 95 -42.07 -14.89 8.91
CA THR B 95 -42.36 -13.51 9.29
C THR B 95 -41.60 -12.55 8.38
N SER B 96 -42.05 -11.30 8.39
CA SER B 96 -41.30 -10.21 7.79
C SER B 96 -40.42 -9.47 8.79
N ARG B 97 -40.80 -9.49 10.07
CA ARG B 97 -40.02 -8.80 11.11
C ARG B 97 -38.78 -9.64 11.41
N ILE B 98 -37.68 -9.30 10.75
CA ILE B 98 -36.44 -10.08 10.82
C ILE B 98 -35.28 -9.09 10.95
N GLU B 99 -34.57 -9.16 12.08
CA GLU B 99 -33.37 -8.35 12.27
C GLU B 99 -32.14 -9.24 12.30
N PRO B 100 -31.42 -9.40 11.18
CA PRO B 100 -30.14 -10.14 11.21
C PRO B 100 -29.09 -9.40 12.04
N LEU B 101 -28.33 -10.16 12.82
CA LEU B 101 -27.31 -9.62 13.71
C LEU B 101 -25.89 -9.91 13.24
N SER B 102 -25.75 -10.89 12.38
CA SER B 102 -24.52 -11.40 11.80
C SER B 102 -24.96 -12.33 10.69
N LEU B 103 -24.03 -13.06 10.07
CA LEU B 103 -24.45 -14.02 9.05
C LEU B 103 -25.32 -15.12 9.61
N ASP B 104 -25.11 -15.52 10.87
CA ASP B 104 -25.74 -16.73 11.38
C ASP B 104 -26.67 -16.48 12.56
N GLU B 105 -27.05 -15.24 12.83
CA GLU B 105 -27.93 -14.93 13.94
C GLU B 105 -29.00 -13.96 13.49
N ALA B 106 -30.20 -14.08 14.07
CA ALA B 106 -31.29 -13.18 13.71
C ALA B 106 -32.36 -13.20 14.80
N TYR B 107 -32.85 -12.02 15.13
CA TYR B 107 -34.10 -11.88 15.87
C TYR B 107 -35.29 -12.01 14.92
N LEU B 108 -36.40 -12.50 15.46
CA LEU B 108 -37.69 -12.58 14.76
C LEU B 108 -38.78 -12.18 15.73
N ASP B 109 -39.69 -11.31 15.29
CA ASP B 109 -40.87 -10.95 16.07
C ASP B 109 -42.05 -11.69 15.48
N VAL B 110 -42.51 -12.72 16.18
CA VAL B 110 -43.60 -13.56 15.69
C VAL B 110 -44.87 -13.33 16.51
N THR B 111 -44.96 -12.18 17.18
CA THR B 111 -46.11 -11.85 18.02
C THR B 111 -47.43 -12.19 17.36
N ASP B 112 -47.60 -11.79 16.11
CA ASP B 112 -48.84 -12.04 15.39
C ASP B 112 -48.55 -12.96 14.21
N SER B 113 -48.21 -14.21 14.52
CA SER B 113 -48.05 -15.21 13.49
C SER B 113 -49.25 -16.15 13.46
N VAL B 114 -49.51 -16.67 12.27
CA VAL B 114 -50.62 -17.55 12.00
C VAL B 114 -50.05 -18.85 11.46
N HIS B 115 -48.82 -19.16 11.86
CA HIS B 115 -48.10 -20.26 11.26
C HIS B 115 -48.27 -21.57 12.02
N CYS B 116 -48.22 -21.51 13.34
CA CYS B 116 -48.40 -22.70 14.17
C CYS B 116 -49.38 -22.38 15.28
N HIS B 117 -50.53 -21.84 14.89
CA HIS B 117 -51.50 -21.31 15.83
C HIS B 117 -50.84 -20.32 16.77
N GLY B 118 -49.96 -19.48 16.20
CA GLY B 118 -49.31 -18.43 16.97
C GLY B 118 -48.41 -18.94 18.08
N SER B 119 -47.86 -20.14 17.93
CA SER B 119 -46.98 -20.75 18.92
C SER B 119 -45.53 -20.50 18.52
N ALA B 120 -44.87 -19.59 19.24
CA ALA B 120 -43.45 -19.34 18.98
C ALA B 120 -42.64 -20.61 19.17
N THR B 121 -43.00 -21.43 20.17
CA THR B 121 -42.27 -22.67 20.43
C THR B 121 -42.26 -23.56 19.19
N LEU B 122 -43.42 -23.75 18.57
CA LEU B 122 -43.41 -24.65 17.43
C LEU B 122 -42.90 -23.98 16.16
N ILE B 123 -43.06 -22.65 16.04
CA ILE B 123 -42.44 -21.95 14.93
C ILE B 123 -40.92 -22.07 15.00
N ALA B 124 -40.34 -21.76 16.16
CA ALA B 124 -38.91 -21.98 16.35
C ALA B 124 -38.54 -23.42 16.04
N GLN B 125 -39.33 -24.38 16.53
CA GLN B 125 -39.06 -25.78 16.24
C GLN B 125 -39.10 -26.06 14.73
N GLU B 126 -40.01 -25.41 14.01
CA GLU B 126 -40.09 -25.65 12.57
C GLU B 126 -38.92 -25.03 11.84
N ILE B 127 -38.54 -23.80 12.20
CA ILE B 127 -37.45 -23.13 11.52
C ILE B 127 -36.17 -23.93 11.68
N ARG B 128 -35.86 -24.32 12.92
CA ARG B 128 -34.70 -25.17 13.16
C ARG B 128 -34.75 -26.42 12.30
N GLN B 129 -35.92 -27.07 12.22
CA GLN B 129 -36.01 -28.31 11.46
C GLN B 129 -35.85 -28.06 9.96
N THR B 130 -36.54 -27.06 9.42
CA THR B 130 -36.40 -26.73 8.00
C THR B 130 -34.95 -26.41 7.64
N ILE B 131 -34.26 -25.66 8.51
CA ILE B 131 -32.86 -25.32 8.27
C ILE B 131 -32.03 -26.60 8.14
N PHE B 132 -32.23 -27.56 9.04
CA PHE B 132 -31.46 -28.80 8.97
C PHE B 132 -31.81 -29.62 7.73
N ASN B 133 -33.03 -29.48 7.23
CA ASN B 133 -33.39 -30.30 6.09
C ASN B 133 -32.91 -29.70 4.77
N GLU B 134 -32.89 -28.38 4.67
CA GLU B 134 -32.47 -27.73 3.42
C GLU B 134 -30.98 -27.40 3.38
N LEU B 135 -30.31 -27.33 4.54
CA LEU B 135 -28.90 -26.94 4.61
C LEU B 135 -28.01 -27.99 5.26
N GLN B 136 -28.57 -29.00 5.92
CA GLN B 136 -27.80 -30.01 6.65
C GLN B 136 -26.98 -29.37 7.79
N LEU B 137 -27.57 -28.37 8.46
CA LEU B 137 -26.88 -27.64 9.52
C LEU B 137 -27.79 -27.49 10.73
N THR B 138 -27.20 -27.52 11.93
CA THR B 138 -27.97 -27.39 13.17
C THR B 138 -28.06 -25.93 13.60
N ALA B 139 -29.21 -25.58 14.14
CA ALA B 139 -29.41 -24.27 14.74
C ALA B 139 -30.02 -24.44 16.12
N SER B 140 -29.75 -23.48 16.99
CA SER B 140 -30.39 -23.38 18.28
C SER B 140 -31.23 -22.11 18.34
N ALA B 141 -32.26 -22.14 19.18
CA ALA B 141 -33.15 -20.98 19.24
C ALA B 141 -33.56 -20.69 20.66
N GLY B 142 -33.76 -19.40 20.95
CA GLY B 142 -34.35 -18.95 22.18
C GLY B 142 -35.67 -18.25 21.86
N VAL B 143 -36.59 -18.30 22.82
CA VAL B 143 -37.91 -17.69 22.70
C VAL B 143 -38.20 -16.94 23.99
N ALA B 144 -38.59 -15.68 23.87
CA ALA B 144 -38.71 -14.86 25.07
C ALA B 144 -39.64 -13.69 24.80
N PRO B 145 -40.14 -13.01 25.84
CA PRO B 145 -40.93 -11.79 25.64
C PRO B 145 -40.13 -10.59 25.15
N VAL B 146 -38.79 -10.63 25.24
CA VAL B 146 -37.94 -9.53 24.82
C VAL B 146 -36.72 -10.08 24.10
N LYS B 147 -35.95 -9.17 23.47
CA LYS B 147 -34.77 -9.56 22.69
C LYS B 147 -33.69 -10.24 23.54
N PHE B 148 -33.26 -9.57 24.61
CA PHE B 148 -32.05 -10.03 25.31
C PHE B 148 -32.28 -11.39 25.99
N LEU B 149 -33.51 -11.65 26.46
CA LEU B 149 -33.81 -12.98 27.00
C LEU B 149 -33.86 -14.03 25.91
N ALA B 150 -34.39 -13.69 24.73
CA ALA B 150 -34.38 -14.68 23.65
C ALA B 150 -32.96 -15.02 23.23
N LYS B 151 -32.07 -14.03 23.26
CA LYS B 151 -30.66 -14.26 22.96
C LYS B 151 -30.02 -15.19 23.99
N ILE B 152 -30.24 -14.92 25.27
CA ILE B 152 -29.73 -15.81 26.31
C ILE B 152 -30.32 -17.21 26.18
N ALA B 153 -31.63 -17.30 25.90
CA ALA B 153 -32.27 -18.61 25.83
C ALA B 153 -31.72 -19.46 24.69
N SER B 154 -31.27 -18.84 23.59
CA SER B 154 -30.74 -19.60 22.47
C SER B 154 -29.43 -20.30 22.79
N ASP B 155 -28.74 -19.88 23.84
CA ASP B 155 -27.52 -20.56 24.26
C ASP B 155 -27.77 -21.68 25.28
N MET B 156 -28.95 -21.74 25.89
CA MET B 156 -29.12 -22.61 27.06
C MET B 156 -29.24 -24.08 26.67
N ASN B 157 -29.73 -24.39 25.48
CA ASN B 157 -29.80 -25.76 25.01
C ASN B 157 -28.97 -25.94 23.73
N LYS B 158 -27.76 -25.41 23.72
CA LYS B 158 -26.88 -25.54 22.56
C LYS B 158 -25.98 -26.75 22.71
N PRO B 159 -25.70 -27.45 21.60
CA PRO B 159 -26.20 -27.17 20.24
C PRO B 159 -27.49 -27.91 19.90
N ASN B 160 -28.12 -27.52 18.79
CA ASN B 160 -29.25 -28.26 18.24
C ASN B 160 -30.35 -28.40 19.28
N GLY B 161 -30.69 -27.28 19.91
CA GLY B 161 -31.75 -27.30 20.88
C GLY B 161 -32.44 -25.95 20.87
N GLN B 162 -33.42 -25.82 21.75
CA GLN B 162 -34.08 -24.55 21.90
C GLN B 162 -34.53 -24.43 23.35
N PHE B 163 -34.80 -23.21 23.77
CA PHE B 163 -35.23 -22.98 25.14
C PHE B 163 -36.21 -21.83 25.17
N VAL B 164 -37.34 -22.03 25.85
CA VAL B 164 -38.45 -21.07 25.86
C VAL B 164 -38.56 -20.51 27.26
N ILE B 165 -38.65 -19.19 27.36
CA ILE B 165 -38.93 -18.51 28.61
C ILE B 165 -40.29 -17.85 28.48
N THR B 166 -41.20 -18.24 29.32
CA THR B 166 -42.50 -17.58 29.32
C THR B 166 -42.47 -16.36 30.21
N PRO B 167 -43.36 -15.40 29.98
CA PRO B 167 -43.43 -14.25 30.89
C PRO B 167 -43.59 -14.66 32.34
N ALA B 168 -44.28 -15.77 32.61
CA ALA B 168 -44.41 -16.25 33.99
C ALA B 168 -43.08 -16.71 34.57
N GLU B 169 -42.12 -17.07 33.72
CA GLU B 169 -40.83 -17.57 34.18
C GLU B 169 -39.76 -16.47 34.32
N VAL B 170 -40.02 -15.24 33.87
CA VAL B 170 -38.97 -14.22 33.87
C VAL B 170 -38.50 -13.85 35.26
N PRO B 171 -39.36 -13.58 36.25
CA PRO B 171 -38.82 -13.17 37.55
C PRO B 171 -37.89 -14.19 38.19
N ALA B 172 -38.19 -15.49 38.03
CA ALA B 172 -37.29 -16.52 38.56
C ALA B 172 -36.08 -16.71 37.69
N PHE B 173 -36.22 -16.51 36.37
CA PHE B 173 -35.05 -16.57 35.50
C PHE B 173 -34.07 -15.46 35.82
N LEU B 174 -34.56 -14.33 36.32
CA LEU B 174 -33.76 -13.13 36.53
C LEU B 174 -32.92 -13.19 37.81
N GLN B 175 -33.44 -13.78 38.90
CA GLN B 175 -32.81 -13.59 40.22
C GLN B 175 -31.38 -14.09 40.24
N THR B 176 -31.12 -15.30 39.72
CA THR B 176 -29.78 -15.83 39.71
C THR B 176 -29.12 -15.70 38.34
N LEU B 177 -29.64 -14.84 37.47
CA LEU B 177 -29.04 -14.66 36.15
C LEU B 177 -27.77 -13.82 36.26
N PRO B 178 -26.60 -14.35 35.91
CA PRO B 178 -25.37 -13.58 36.04
C PRO B 178 -25.31 -12.42 35.07
N LEU B 179 -24.82 -11.28 35.55
CA LEU B 179 -24.84 -10.07 34.72
C LEU B 179 -24.03 -10.24 33.44
N ALA B 180 -22.92 -11.00 33.53
CA ALA B 180 -22.05 -11.22 32.37
C ALA B 180 -22.76 -11.92 31.21
N LYS B 181 -23.88 -12.59 31.46
CA LYS B 181 -24.64 -13.20 30.37
C LYS B 181 -25.51 -12.20 29.62
N ILE B 182 -25.72 -11.01 30.16
CA ILE B 182 -26.47 -9.98 29.43
C ILE B 182 -25.65 -9.48 28.26
N PRO B 183 -26.15 -9.58 27.02
CA PRO B 183 -25.45 -9.00 25.87
C PRO B 183 -25.07 -7.56 26.14
N GLY B 184 -23.80 -7.24 25.94
CA GLY B 184 -23.27 -5.91 26.19
C GLY B 184 -22.52 -5.78 27.50
N VAL B 185 -22.70 -6.72 28.42
CA VAL B 185 -21.91 -6.76 29.65
C VAL B 185 -20.70 -7.63 29.34
N GLY B 186 -19.59 -6.98 28.99
CA GLY B 186 -18.35 -7.67 28.69
C GLY B 186 -17.45 -7.79 29.90
N LYS B 187 -16.19 -8.16 29.65
CA LYS B 187 -15.23 -8.41 30.72
C LYS B 187 -15.04 -7.18 31.61
N VAL B 188 -14.84 -6.00 31.02
CA VAL B 188 -14.52 -4.85 31.85
C VAL B 188 -15.74 -4.41 32.64
N SER B 189 -16.93 -4.52 32.05
CA SER B 189 -18.14 -4.15 32.77
C SER B 189 -18.47 -5.15 33.87
N ALA B 190 -18.43 -6.45 33.54
CA ALA B 190 -18.66 -7.47 34.56
C ALA B 190 -17.68 -7.31 35.72
N ALA B 191 -16.40 -7.10 35.43
CA ALA B 191 -15.42 -6.91 36.50
C ALA B 191 -15.68 -5.64 37.29
N LYS B 192 -16.13 -4.59 36.63
CA LYS B 192 -16.49 -3.36 37.33
C LYS B 192 -17.68 -3.60 38.28
N LEU B 193 -18.59 -4.49 37.88
CA LEU B 193 -19.73 -4.85 38.72
C LEU B 193 -19.29 -5.68 39.92
N GLU B 194 -18.54 -6.76 39.69
CA GLU B 194 -18.11 -7.61 40.79
C GLU B 194 -17.36 -6.81 41.84
N ALA B 195 -16.55 -5.83 41.40
CA ALA B 195 -15.80 -5.00 42.33
C ALA B 195 -16.71 -4.24 43.28
N MET B 196 -17.95 -3.95 42.87
CA MET B 196 -18.92 -3.30 43.74
C MET B 196 -20.03 -4.23 44.22
N GLY B 197 -19.77 -5.55 44.23
CA GLY B 197 -20.66 -6.54 44.83
C GLY B 197 -21.84 -7.00 44.00
N LEU B 198 -21.88 -6.65 42.71
CA LEU B 198 -23.01 -6.97 41.84
C LEU B 198 -22.62 -8.14 40.94
N ARG B 199 -23.25 -9.29 41.15
CA ARG B 199 -23.00 -10.46 40.30
C ARG B 199 -24.19 -10.83 39.43
N THR B 200 -25.39 -10.86 39.99
CA THR B 200 -26.59 -11.34 39.29
C THR B 200 -27.57 -10.19 39.04
N CYS B 201 -28.57 -10.45 38.19
CA CYS B 201 -29.64 -9.47 38.01
C CYS B 201 -30.39 -9.24 39.31
N GLY B 202 -30.47 -10.27 40.17
CA GLY B 202 -31.10 -10.09 41.47
C GLY B 202 -30.41 -9.03 42.30
N ASP B 203 -29.07 -9.00 42.26
CA ASP B 203 -28.33 -7.94 42.95
C ASP B 203 -28.73 -6.57 42.43
N VAL B 204 -28.93 -6.45 41.11
CA VAL B 204 -29.15 -5.15 40.49
C VAL B 204 -30.53 -4.61 40.82
N GLN B 205 -31.53 -5.50 40.92
CA GLN B 205 -32.87 -5.04 41.24
C GLN B 205 -32.90 -4.30 42.58
N LYS B 206 -32.07 -4.74 43.54
CA LYS B 206 -31.99 -4.08 44.84
C LYS B 206 -31.25 -2.74 44.78
N CYS B 207 -30.62 -2.41 43.66
CA CYS B 207 -29.76 -1.22 43.58
C CYS B 207 -30.52 0.04 43.18
N ASP B 208 -30.02 1.16 43.68
CA ASP B 208 -30.55 2.47 43.29
C ASP B 208 -30.21 2.79 41.85
N LEU B 209 -31.16 3.37 41.13
CA LEU B 209 -30.96 3.72 39.72
C LEU B 209 -30.12 4.98 39.56
N VAL B 210 -30.24 5.95 40.48
CA VAL B 210 -29.44 7.18 40.38
C VAL B 210 -27.95 6.85 40.41
N MET B 211 -27.56 5.88 41.24
CA MET B 211 -26.14 5.56 41.37
C MET B 211 -25.64 4.70 40.21
N LEU B 212 -26.50 3.88 39.61
CA LEU B 212 -26.14 3.19 38.38
C LEU B 212 -25.97 4.18 37.23
N LEU B 213 -26.89 5.15 37.11
CA LEU B 213 -26.77 6.15 36.05
C LEU B 213 -25.51 6.98 36.21
N LYS B 214 -25.13 7.27 37.45
CA LYS B 214 -24.01 8.16 37.73
C LYS B 214 -22.67 7.44 37.61
N ARG B 215 -22.65 6.12 37.77
CA ARG B 215 -21.43 5.32 37.69
C ARG B 215 -21.26 4.62 36.35
N PHE B 216 -22.32 4.52 35.53
CA PHE B 216 -22.25 3.79 34.26
C PHE B 216 -22.87 4.51 33.08
N GLY B 217 -23.67 5.57 33.28
CA GLY B 217 -24.29 6.26 32.15
C GLY B 217 -25.47 5.48 31.57
N LYS B 218 -25.70 5.66 30.27
CA LYS B 218 -26.82 4.99 29.60
C LYS B 218 -26.76 3.49 29.80
N PHE B 219 -25.54 2.93 29.82
CA PHE B 219 -25.36 1.51 30.14
C PHE B 219 -25.93 1.18 31.52
N GLY B 220 -25.82 2.11 32.47
CA GLY B 220 -26.33 1.86 33.81
C GLY B 220 -27.84 1.81 33.87
N ARG B 221 -28.51 2.54 32.97
CA ARG B 221 -29.96 2.43 32.87
C ARG B 221 -30.34 1.10 32.22
N ILE B 222 -29.73 0.78 31.07
CA ILE B 222 -30.02 -0.48 30.40
C ILE B 222 -29.82 -1.65 31.35
N LEU B 223 -28.76 -1.58 32.17
CA LEU B 223 -28.49 -2.64 33.15
C LEU B 223 -29.60 -2.71 34.19
N TRP B 224 -30.15 -1.57 34.60
CA TRP B 224 -31.26 -1.58 35.55
C TRP B 224 -32.52 -2.18 34.92
N GLU B 225 -32.79 -1.82 33.67
CA GLU B 225 -33.94 -2.38 32.96
C GLU B 225 -33.78 -3.87 32.71
N ARG B 226 -32.74 -4.26 31.97
CA ARG B 226 -32.56 -5.67 31.63
C ARG B 226 -32.64 -6.56 32.87
N SER B 227 -32.05 -6.14 33.99
CA SER B 227 -32.12 -6.98 35.17
C SER B 227 -33.54 -7.10 35.71
N GLN B 228 -34.50 -6.34 35.16
CA GLN B 228 -35.91 -6.48 35.45
C GLN B 228 -36.71 -7.04 34.28
N GLY B 229 -36.06 -7.73 33.35
CA GLY B 229 -36.75 -8.21 32.17
C GLY B 229 -37.19 -7.14 31.20
N ILE B 230 -36.95 -5.86 31.50
CA ILE B 230 -37.40 -4.76 30.66
C ILE B 230 -36.45 -4.57 29.50
N ASP B 231 -36.98 -4.61 28.28
CA ASP B 231 -36.19 -4.46 27.07
C ASP B 231 -37.17 -4.14 25.94
N GLU B 232 -37.33 -2.85 25.65
CA GLU B 232 -38.34 -2.43 24.69
C GLU B 232 -37.80 -2.25 23.29
N ARG B 233 -36.62 -2.79 23.00
CA ARG B 233 -36.05 -2.68 21.66
C ARG B 233 -36.90 -3.47 20.68
N ASP B 234 -37.43 -2.78 19.67
CA ASP B 234 -38.21 -3.44 18.64
C ASP B 234 -37.28 -4.14 17.66
N VAL B 235 -37.74 -5.27 17.13
CA VAL B 235 -37.06 -5.90 16.01
C VAL B 235 -37.16 -4.96 14.81
N ASN B 236 -36.07 -4.82 14.06
CA ASN B 236 -36.03 -3.74 13.08
C ASN B 236 -36.37 -4.16 11.66
N SER B 237 -35.52 -5.00 11.06
CA SER B 237 -35.67 -5.52 9.70
C SER B 237 -35.22 -4.52 8.64
N GLU B 238 -35.08 -3.24 9.01
CA GLU B 238 -34.65 -2.20 8.08
C GLU B 238 -33.34 -1.54 8.52
N ARG B 239 -32.40 -2.32 9.03
CA ARG B 239 -31.10 -1.78 9.47
C ARG B 239 -30.14 -1.73 8.30
N LEU B 240 -29.45 -0.60 8.16
CA LEU B 240 -28.44 -0.43 7.13
C LEU B 240 -27.11 -0.09 7.79
N ARG B 241 -26.03 -0.61 7.21
CA ARG B 241 -24.69 -0.26 7.67
C ARG B 241 -24.48 1.25 7.57
N LYS B 242 -23.79 1.82 8.56
CA LYS B 242 -23.45 3.23 8.57
C LYS B 242 -22.00 3.51 8.20
N SER B 243 -21.20 2.47 7.95
CA SER B 243 -19.77 2.63 7.77
C SER B 243 -19.25 1.44 6.97
N VAL B 244 -18.13 1.66 6.28
CA VAL B 244 -17.48 0.63 5.48
C VAL B 244 -15.97 0.80 5.63
N GLY B 245 -15.26 -0.30 5.84
CA GLY B 245 -13.83 -0.24 6.10
C GLY B 245 -13.11 -1.44 5.53
N VAL B 246 -11.82 -1.24 5.25
CA VAL B 246 -10.91 -2.31 4.85
C VAL B 246 -9.61 -2.11 5.61
N GLU B 247 -9.05 -3.21 6.12
CA GLU B 247 -7.81 -3.09 6.88
C GLU B 247 -7.06 -4.41 6.84
N ARG B 248 -5.75 -4.33 7.05
CA ARG B 248 -4.93 -5.52 7.01
C ARG B 248 -3.81 -5.46 8.06
N THR B 249 -3.58 -6.59 8.72
CA THR B 249 -2.44 -6.79 9.61
C THR B 249 -1.34 -7.49 8.83
N MET B 250 -0.17 -6.87 8.76
CA MET B 250 0.95 -7.48 8.06
C MET B 250 1.63 -8.55 8.92
N ALA B 251 2.34 -9.46 8.24
CA ALA B 251 3.09 -10.50 8.92
C ALA B 251 4.27 -9.94 9.71
N GLU B 252 4.88 -8.86 9.24
CA GLU B 252 5.99 -8.20 9.92
C GLU B 252 5.66 -6.71 10.00
N ASP B 253 6.03 -6.07 11.12
CA ASP B 253 5.76 -4.64 11.27
C ASP B 253 6.50 -3.85 10.20
N ILE B 254 5.90 -2.76 9.74
CA ILE B 254 6.54 -1.92 8.74
C ILE B 254 7.15 -0.70 9.43
N HIS B 255 8.31 -0.24 8.91
CA HIS B 255 8.94 0.92 9.52
C HIS B 255 9.22 2.04 8.52
N HIS B 256 8.76 1.92 7.28
CA HIS B 256 9.01 2.93 6.26
C HIS B 256 7.69 3.42 5.68
N TRP B 257 7.59 4.74 5.50
CA TRP B 257 6.39 5.35 4.95
C TRP B 257 6.03 4.75 3.58
N SER B 258 7.03 4.39 2.78
CA SER B 258 6.72 3.87 1.44
C SER B 258 6.01 2.53 1.51
N GLU B 259 6.20 1.79 2.61
CA GLU B 259 5.49 0.53 2.77
C GLU B 259 4.05 0.78 3.16
N CYS B 260 3.83 1.76 4.04
CA CYS B 260 2.48 2.20 4.36
C CYS B 260 1.72 2.58 3.09
N GLU B 261 2.32 3.45 2.28
CA GLU B 261 1.65 3.94 1.07
C GLU B 261 1.38 2.81 0.11
N ALA B 262 2.35 1.90 -0.02
CA ALA B 262 2.15 0.75 -0.88
C ALA B 262 0.98 -0.09 -0.41
N ILE B 263 0.77 -0.19 0.91
CA ILE B 263 -0.32 -1.02 1.39
C ILE B 263 -1.65 -0.31 1.17
N ILE B 264 -1.65 1.02 1.25
CA ILE B 264 -2.87 1.79 1.00
C ILE B 264 -3.31 1.65 -0.45
N GLU B 265 -2.35 1.76 -1.39
CA GLU B 265 -2.62 1.48 -2.81
C GLU B 265 -3.31 0.12 -2.99
N ARG B 266 -2.90 -0.87 -2.19
CA ARG B 266 -3.50 -2.20 -2.32
C ARG B 266 -4.89 -2.27 -1.69
N LEU B 267 -5.11 -1.54 -0.59
CA LEU B 267 -6.42 -1.60 0.08
C LEU B 267 -7.48 -0.77 -0.66
N TYR B 268 -7.08 0.28 -1.36
CA TYR B 268 -8.08 1.23 -1.86
C TYR B 268 -9.06 0.62 -2.85
N PRO B 269 -8.65 -0.21 -3.83
CA PRO B 269 -9.66 -0.75 -4.78
C PRO B 269 -10.75 -1.54 -4.07
N GLU B 270 -10.37 -2.33 -3.07
CA GLU B 270 -11.32 -3.10 -2.29
C GLU B 270 -12.31 -2.20 -1.55
N LEU B 271 -11.84 -1.08 -1.01
CA LEU B 271 -12.75 -0.20 -0.30
C LEU B 271 -13.70 0.48 -1.28
N GLU B 272 -13.18 0.92 -2.43
CA GLU B 272 -14.02 1.48 -3.49
C GLU B 272 -15.05 0.47 -3.97
N ARG B 273 -14.60 -0.76 -4.22
CA ARG B 273 -15.48 -1.85 -4.65
C ARG B 273 -16.65 -2.05 -3.69
N ARG B 274 -16.36 -2.12 -2.39
CA ARG B 274 -17.39 -2.40 -1.40
C ARG B 274 -18.34 -1.23 -1.23
N LEU B 275 -17.80 0.00 -1.25
CA LEU B 275 -18.65 1.17 -1.15
C LEU B 275 -19.54 1.33 -2.38
N ALA B 276 -19.06 0.87 -3.54
CA ALA B 276 -19.80 1.00 -4.79
C ALA B 276 -21.07 0.14 -4.78
N LYS B 277 -21.01 -1.03 -4.14
CA LYS B 277 -22.17 -1.91 -4.08
C LYS B 277 -23.33 -1.29 -3.33
N VAL B 278 -23.07 -0.35 -2.43
CA VAL B 278 -24.10 0.24 -1.60
C VAL B 278 -24.26 1.73 -1.85
N LYS B 279 -23.43 2.31 -2.72
CA LYS B 279 -23.48 3.73 -3.00
C LYS B 279 -22.72 3.98 -4.28
N PRO B 280 -23.35 3.82 -5.45
CA PRO B 280 -22.60 3.86 -6.71
C PRO B 280 -21.89 5.18 -6.99
N ASP B 281 -22.30 6.28 -6.34
CA ASP B 281 -21.69 7.58 -6.59
C ASP B 281 -20.54 7.91 -5.64
N LEU B 282 -20.25 7.04 -4.67
CA LEU B 282 -19.14 7.17 -3.73
C LEU B 282 -19.26 8.41 -2.88
N LEU B 283 -20.46 8.95 -2.74
CA LEU B 283 -20.68 10.11 -1.89
C LEU B 283 -20.82 9.67 -0.44
N ILE B 284 -20.17 10.41 0.48
CA ILE B 284 -19.99 9.97 1.86
C ILE B 284 -20.01 11.19 2.77
N ALA B 285 -19.99 10.94 4.08
CA ALA B 285 -19.90 12.02 5.05
C ALA B 285 -18.46 12.26 5.48
N ARG B 286 -17.70 11.19 5.72
CA ARG B 286 -16.35 11.25 6.26
C ARG B 286 -15.58 10.06 5.73
N GLN B 287 -14.27 10.25 5.54
CA GLN B 287 -13.37 9.13 5.30
C GLN B 287 -12.12 9.36 6.12
N GLY B 288 -11.28 8.34 6.18
CA GLY B 288 -10.09 8.41 7.01
C GLY B 288 -9.34 7.10 7.03
N VAL B 289 -8.36 7.04 7.93
CA VAL B 289 -7.38 5.97 7.94
C VAL B 289 -7.18 5.50 9.38
N LYS B 290 -6.55 4.33 9.51
CA LYS B 290 -6.30 3.71 10.80
C LYS B 290 -4.90 3.12 10.79
N LEU B 291 -4.18 3.28 11.90
CA LEU B 291 -2.87 2.65 12.09
C LEU B 291 -2.84 1.99 13.45
N LYS B 292 -2.35 0.76 13.48
CA LYS B 292 -2.11 0.05 14.74
C LYS B 292 -0.61 -0.24 14.86
N PHE B 293 -0.06 -0.04 16.05
CA PHE B 293 1.38 -0.06 16.29
C PHE B 293 1.81 -1.36 16.99
N ASP B 294 3.14 -1.50 17.22
CA ASP B 294 3.65 -2.77 17.74
C ASP B 294 3.24 -3.04 19.17
N ASP B 295 2.94 -2.02 19.95
CA ASP B 295 2.40 -2.15 21.29
C ASP B 295 0.89 -2.37 21.29
N PHE B 296 0.29 -2.64 20.13
CA PHE B 296 -1.13 -2.87 19.93
C PHE B 296 -1.95 -1.62 20.14
N GLN B 297 -1.33 -0.49 20.48
CA GLN B 297 -2.07 0.76 20.44
C GLN B 297 -2.46 1.06 19.00
N GLN B 298 -3.60 1.72 18.82
CA GLN B 298 -4.01 2.11 17.49
C GLN B 298 -4.57 3.52 17.54
N THR B 299 -4.69 4.12 16.35
CA THR B 299 -5.11 5.50 16.20
C THR B 299 -5.84 5.60 14.87
N THR B 300 -6.89 6.42 14.84
CA THR B 300 -7.63 6.70 13.61
C THR B 300 -7.67 8.19 13.39
N GLN B 301 -7.61 8.60 12.12
CA GLN B 301 -7.69 10.00 11.74
C GLN B 301 -8.62 10.07 10.53
N GLU B 302 -9.76 10.73 10.72
CA GLU B 302 -10.77 10.85 9.69
C GLU B 302 -11.38 12.23 9.75
N HIS B 303 -12.03 12.62 8.65
CA HIS B 303 -12.53 13.98 8.56
C HIS B 303 -13.67 14.03 7.56
N VAL B 304 -14.56 15.02 7.73
CA VAL B 304 -15.67 15.18 6.79
C VAL B 304 -15.10 15.34 5.40
N TRP B 305 -15.74 14.68 4.44
CA TRP B 305 -15.23 14.65 3.08
C TRP B 305 -16.40 14.21 2.21
N PRO B 306 -16.62 14.81 1.03
CA PRO B 306 -17.84 14.50 0.27
C PRO B 306 -17.79 13.21 -0.54
N ARG B 307 -16.62 12.70 -0.89
CA ARG B 307 -16.56 11.56 -1.81
C ARG B 307 -15.29 10.77 -1.57
N LEU B 308 -15.39 9.44 -1.69
CA LEU B 308 -14.23 8.56 -1.56
C LEU B 308 -13.12 9.06 -2.47
N ASN B 309 -11.91 9.21 -1.91
CA ASN B 309 -10.81 9.85 -2.63
C ASN B 309 -9.49 9.22 -2.18
N LYS B 310 -8.80 8.54 -3.09
CA LYS B 310 -7.56 7.86 -2.74
C LYS B 310 -6.48 8.85 -2.32
N ALA B 311 -6.36 9.99 -3.02
CA ALA B 311 -5.30 10.94 -2.74
C ALA B 311 -5.49 11.60 -1.38
N ASP B 312 -6.74 11.81 -0.98
CA ASP B 312 -7.00 12.37 0.34
C ASP B 312 -6.67 11.36 1.45
N LEU B 313 -6.83 10.06 1.18
CA LEU B 313 -6.48 9.04 2.16
C LEU B 313 -4.98 8.96 2.36
N ILE B 314 -4.20 8.96 1.27
CA ILE B 314 -2.74 8.90 1.36
C ILE B 314 -2.21 10.13 2.09
N ALA B 315 -2.78 11.31 1.81
CA ALA B 315 -2.33 12.53 2.47
C ALA B 315 -2.65 12.49 3.97
N THR B 316 -3.83 11.99 4.33
CA THR B 316 -4.20 11.82 5.72
C THR B 316 -3.31 10.80 6.41
N ALA B 317 -3.07 9.67 5.74
CA ALA B 317 -2.17 8.65 6.24
C ALA B 317 -0.77 9.16 6.48
N ARG B 318 -0.29 10.08 5.63
CA ARG B 318 1.04 10.63 5.84
C ARG B 318 1.08 11.48 7.11
N LYS B 319 0.01 12.24 7.37
CA LYS B 319 -0.07 12.99 8.62
C LYS B 319 -0.09 12.06 9.80
N THR B 320 -0.97 11.05 9.77
CA THR B 320 -1.05 10.08 10.85
C THR B 320 0.30 9.43 11.10
N TRP B 321 0.95 8.97 10.04
CA TRP B 321 2.26 8.34 10.14
C TRP B 321 3.29 9.29 10.74
N ASP B 322 3.35 10.52 10.24
CA ASP B 322 4.40 11.46 10.65
C ASP B 322 4.18 11.92 12.08
N GLU B 323 2.92 12.09 12.47
CA GLU B 323 2.58 12.78 13.71
C GLU B 323 2.30 11.83 14.87
N ARG B 324 1.78 10.62 14.62
CA ARG B 324 1.37 9.76 15.72
C ARG B 324 2.13 8.45 15.84
N ARG B 325 2.92 8.06 14.82
CA ARG B 325 3.68 6.82 14.92
C ARG B 325 4.64 6.84 16.10
N GLY B 326 5.18 8.01 16.43
CA GLY B 326 6.17 8.14 17.48
C GLY B 326 7.33 7.17 17.35
N GLY B 327 7.72 6.84 16.12
CA GLY B 327 8.82 5.94 15.89
C GLY B 327 8.51 4.46 16.04
N ARG B 328 7.26 4.10 16.34
CA ARG B 328 6.93 2.68 16.49
C ARG B 328 6.80 1.99 15.13
N GLY B 329 6.93 0.65 15.17
CA GLY B 329 6.53 -0.13 14.02
C GLY B 329 5.02 -0.21 13.90
N VAL B 330 4.53 -0.38 12.68
CA VAL B 330 3.09 -0.44 12.43
C VAL B 330 2.74 -1.85 12.00
N ARG B 331 1.78 -2.48 12.70
CA ARG B 331 1.38 -3.84 12.36
C ARG B 331 0.16 -3.91 11.47
N LEU B 332 -0.61 -2.82 11.38
CA LEU B 332 -1.87 -2.79 10.66
C LEU B 332 -2.08 -1.42 10.04
N VAL B 333 -2.59 -1.38 8.82
CA VAL B 333 -3.13 -0.13 8.28
C VAL B 333 -4.51 -0.41 7.70
N GLY B 334 -5.42 0.56 7.86
CA GLY B 334 -6.79 0.41 7.43
C GLY B 334 -7.33 1.68 6.83
N LEU B 335 -8.36 1.51 5.99
CA LEU B 335 -9.08 2.60 5.35
C LEU B 335 -10.54 2.58 5.78
N HIS B 336 -11.13 3.76 5.93
CA HIS B 336 -12.45 3.82 6.51
C HIS B 336 -13.27 4.97 5.92
N VAL B 337 -14.54 4.70 5.74
CA VAL B 337 -15.49 5.66 5.22
C VAL B 337 -16.71 5.64 6.12
N THR B 338 -17.29 6.81 6.36
CA THR B 338 -18.59 6.92 7.01
C THR B 338 -19.63 7.34 5.96
N LEU B 339 -20.75 6.62 5.90
CA LEU B 339 -21.83 6.95 4.96
C LEU B 339 -22.68 8.11 5.47
N LEU B 340 -23.53 8.62 4.59
CA LEU B 340 -24.50 9.65 4.96
C LEU B 340 -25.71 9.03 5.65
N ASP B 341 -26.59 9.88 6.19
CA ASP B 341 -27.55 9.50 7.22
C ASP B 341 -28.77 8.65 6.84
N PRO B 342 -29.46 8.88 5.69
CA PRO B 342 -30.72 8.15 5.52
C PRO B 342 -30.65 6.83 4.70
#